data_6FYK
#
_entry.id   6FYK
#
_cell.length_a   95.633
_cell.length_b   95.633
_cell.length_c   222.858
_cell.angle_alpha   90.000
_cell.angle_beta   90.000
_cell.angle_gamma   120.000
#
_symmetry.space_group_name_H-M   'P 32 2 1'
#
loop_
_entity.id
_entity.type
_entity.pdbx_description
1 polymer 'Dual specificity protein kinase CLK2'
2 non-polymer (2~{S})-4-methyl-1-[5-(3-methyl-2~{H}-indazol-5-yl)pyridin-3-yl]oxy-pentan-2-amine
3 water water
#
_entity_poly.entity_id   1
_entity_poly.type   'polypeptide(L)'
_entity_poly.pdbx_seq_one_letter_code
;GPSSRRAKSVEDDAEGHLIYHVGDWLQERYEIVSTLGEGTFGRVVQCVDHRRGGARVALKIIKNVEKYKEAARLEINVLE
KINEKDPDNKNLCVQMFDWFDYHGHMCISFELLGLSTFDFLKDNNYLPYPIHQVRHMAFQLCQAVKFLHDNKLTHTDLKP
ENILFVNSDYELTYNLEKKRDERSVKSTAVRVVDFGSATFDHEHHSTIVSTRHYRAPEVILELGWSQPCDVWSIGCIIFE
YYVGFTLFQTHDNREHLAMMERILGPIPSRMIRKTRKQKYFYRGRLDWDENTSAGRYVRENCKPLRRYLTSEAEEHHQLF
DLIESMLEYEPAKRLTLGEALQHPFFARLRAEPPNKLWDSSRD
;
_entity_poly.pdbx_strand_id   A,B,C
#
loop_
_chem_comp.id
_chem_comp.type
_chem_comp.name
_chem_comp.formula
EAZ non-polymer (2~{S})-4-methyl-1-[5-(3-methyl-2~{H}-indazol-5-yl)pyridin-3-yl]oxy-pentan-2-amine 'C19 H24 N4 O'
#
# COMPACT_ATOMS: atom_id res chain seq x y z
N SER A 4 8.38 -31.27 -19.34
CA SER A 4 9.01 -32.44 -18.67
C SER A 4 10.13 -31.98 -17.72
N ARG A 5 10.10 -32.51 -16.50
CA ARG A 5 11.06 -32.13 -15.47
C ARG A 5 12.12 -33.22 -15.23
N ARG A 6 13.11 -32.88 -14.41
CA ARG A 6 14.18 -33.81 -14.08
C ARG A 6 13.83 -34.71 -12.90
N ALA A 7 13.97 -36.02 -13.09
CA ALA A 7 13.81 -36.99 -12.01
C ALA A 7 14.93 -36.80 -11.00
N LYS A 8 14.57 -36.76 -9.71
CA LYS A 8 15.56 -36.45 -8.68
C LYS A 8 15.96 -37.61 -7.77
N SER A 9 15.21 -38.71 -7.84
CA SER A 9 15.57 -39.93 -7.10
C SER A 9 14.96 -41.18 -7.74
N VAL A 10 15.33 -42.35 -7.22
CA VAL A 10 14.77 -43.64 -7.67
C VAL A 10 13.26 -43.69 -7.44
N GLU A 11 12.83 -43.37 -6.22
CA GLU A 11 11.41 -43.28 -5.89
C GLU A 11 10.94 -41.84 -6.12
N ASP A 12 10.57 -41.54 -7.37
CA ASP A 12 10.24 -40.16 -7.74
C ASP A 12 8.75 -39.94 -7.92
N ASP A 13 8.30 -38.71 -7.67
CA ASP A 13 6.90 -38.33 -7.86
C ASP A 13 6.48 -38.36 -9.33
N ALA A 14 7.45 -38.25 -10.24
CA ALA A 14 7.18 -38.26 -11.67
C ALA A 14 6.82 -39.65 -12.21
N GLU A 15 7.01 -40.69 -11.41
CA GLU A 15 6.78 -42.07 -11.83
C GLU A 15 5.33 -42.53 -11.64
N GLY A 16 4.84 -43.31 -12.60
CA GLY A 16 3.51 -43.95 -12.49
C GLY A 16 2.36 -43.20 -13.10
N HIS A 17 2.62 -42.02 -13.66
CA HIS A 17 1.59 -41.21 -14.31
C HIS A 17 1.18 -41.82 -15.64
N LEU A 18 -0.04 -41.53 -16.07
CA LEU A 18 -0.46 -41.83 -17.44
C LEU A 18 0.11 -40.77 -18.38
N ILE A 19 0.75 -41.24 -19.45
CA ILE A 19 1.29 -40.36 -20.48
C ILE A 19 0.18 -39.90 -21.39
N TYR A 20 0.09 -38.59 -21.59
CA TYR A 20 -0.89 -38.01 -22.47
C TYR A 20 -0.34 -36.75 -23.11
N HIS A 21 -0.99 -36.31 -24.19
CA HIS A 21 -0.68 -35.05 -24.82
C HIS A 21 -1.96 -34.28 -25.03
N VAL A 22 -1.90 -32.96 -24.87
CA VAL A 22 -3.05 -32.10 -25.13
C VAL A 22 -3.65 -32.46 -26.50
N GLY A 23 -4.95 -32.71 -26.53
CA GLY A 23 -5.62 -33.13 -27.76
C GLY A 23 -5.99 -34.61 -27.78
N ASP A 24 -5.35 -35.41 -26.94
CA ASP A 24 -5.73 -36.82 -26.78
C ASP A 24 -7.16 -36.95 -26.26
N TRP A 25 -7.86 -37.95 -26.73
CA TRP A 25 -9.15 -38.34 -26.18
C TRP A 25 -8.95 -39.59 -25.34
N LEU A 26 -9.49 -39.62 -24.13
CA LEU A 26 -9.48 -40.85 -23.34
C LEU A 26 -10.82 -41.55 -23.51
N GLN A 27 -10.74 -42.83 -23.88
CA GLN A 27 -11.91 -43.71 -24.05
C GLN A 27 -12.93 -43.12 -25.03
N GLU A 28 -12.43 -42.46 -26.07
CA GLU A 28 -13.28 -41.83 -27.10
C GLU A 28 -14.33 -40.90 -26.48
N ARG A 29 -13.98 -40.27 -25.36
CA ARG A 29 -14.92 -39.44 -24.61
C ARG A 29 -14.32 -38.14 -24.08
N TYR A 30 -13.21 -38.24 -23.36
CA TYR A 30 -12.63 -37.10 -22.66
C TYR A 30 -11.48 -36.48 -23.43
N GLU A 31 -11.75 -35.34 -24.07
CA GLU A 31 -10.69 -34.62 -24.78
C GLU A 31 -9.88 -33.76 -23.83
N ILE A 32 -8.58 -34.05 -23.73
CA ILE A 32 -7.67 -33.33 -22.84
C ILE A 32 -7.37 -31.93 -23.39
N VAL A 33 -7.70 -30.92 -22.58
CA VAL A 33 -7.55 -29.51 -22.95
C VAL A 33 -6.31 -28.86 -22.32
N SER A 34 -6.06 -29.16 -21.04
CA SER A 34 -4.90 -28.66 -20.32
C SER A 34 -4.62 -29.46 -19.06
N THR A 35 -3.44 -29.26 -18.48
CA THR A 35 -3.08 -29.84 -17.19
C THR A 35 -3.27 -28.79 -16.09
N LEU A 36 -4.05 -29.13 -15.08
CA LEU A 36 -4.39 -28.18 -14.01
C LEU A 36 -3.46 -28.27 -12.78
N GLY A 37 -3.04 -29.49 -12.45
CA GLY A 37 -2.14 -29.69 -11.32
C GLY A 37 -1.61 -31.10 -11.20
N GLU A 38 -0.62 -31.27 -10.34
CA GLU A 38 -0.06 -32.56 -10.02
C GLU A 38 0.07 -32.68 -8.51
N GLY A 39 -0.59 -33.68 -7.95
CA GLY A 39 -0.39 -34.06 -6.56
C GLY A 39 0.35 -35.38 -6.53
N THR A 40 0.57 -35.91 -5.32
CA THR A 40 1.23 -37.20 -5.18
C THR A 40 0.45 -38.31 -5.88
N PHE A 41 -0.88 -38.20 -5.88
CA PHE A 41 -1.80 -39.20 -6.45
C PHE A 41 -1.71 -39.38 -7.96
N GLY A 42 -1.28 -38.32 -8.66
CA GLY A 42 -1.37 -38.28 -10.11
C GLY A 42 -1.61 -36.85 -10.57
N ARG A 43 -2.42 -36.68 -11.62
CA ARG A 43 -2.67 -35.38 -12.21
C ARG A 43 -4.16 -35.02 -12.30
N VAL A 44 -4.45 -33.72 -12.30
CA VAL A 44 -5.80 -33.22 -12.54
C VAL A 44 -5.76 -32.48 -13.87
N VAL A 45 -6.57 -32.95 -14.82
CA VAL A 45 -6.60 -32.40 -16.17
CA VAL A 45 -6.61 -32.47 -16.19
C VAL A 45 -7.97 -31.85 -16.54
N GLN A 46 -7.96 -30.76 -17.31
CA GLN A 46 -9.20 -30.21 -17.83
C GLN A 46 -9.60 -30.95 -19.11
N CYS A 47 -10.84 -31.41 -19.16
CA CYS A 47 -11.34 -32.14 -20.31
C CYS A 47 -12.68 -31.63 -20.82
N VAL A 48 -12.88 -31.78 -22.12
CA VAL A 48 -14.21 -31.71 -22.71
C VAL A 48 -14.80 -33.13 -22.67
N ASP A 49 -15.97 -33.27 -22.05
CA ASP A 49 -16.69 -34.54 -22.03
C ASP A 49 -17.64 -34.58 -23.21
N HIS A 50 -17.28 -35.34 -24.24
CA HIS A 50 -18.05 -35.34 -25.49
C HIS A 50 -19.32 -36.19 -25.47
N ARG A 51 -19.46 -37.00 -24.42
CA ARG A 51 -20.67 -37.78 -24.21
C ARG A 51 -21.54 -37.16 -23.12
N ARG A 52 -21.36 -35.85 -22.93
CA ARG A 52 -22.13 -35.04 -21.97
C ARG A 52 -22.24 -33.60 -22.50
N GLY A 53 -22.52 -33.48 -23.80
CA GLY A 53 -22.75 -32.18 -24.44
C GLY A 53 -21.54 -31.27 -24.56
N GLY A 54 -20.35 -31.83 -24.34
CA GLY A 54 -19.13 -31.03 -24.36
C GLY A 54 -18.89 -30.24 -23.08
N ALA A 55 -19.50 -30.70 -21.98
CA ALA A 55 -19.29 -30.07 -20.67
C ALA A 55 -17.81 -30.07 -20.26
N ARG A 56 -17.34 -28.95 -19.74
CA ARG A 56 -15.97 -28.83 -19.24
C ARG A 56 -15.87 -29.49 -17.86
N VAL A 57 -14.94 -30.44 -17.72
CA VAL A 57 -14.76 -31.19 -16.48
C VAL A 57 -13.30 -31.26 -16.02
N ALA A 58 -13.11 -31.59 -14.76
CA ALA A 58 -11.80 -31.90 -14.21
C ALA A 58 -11.64 -33.42 -14.11
N LEU A 59 -10.61 -33.96 -14.74
CA LEU A 59 -10.37 -35.40 -14.68
C LEU A 59 -9.10 -35.67 -13.84
N LYS A 60 -9.30 -36.41 -12.76
CA LYS A 60 -8.23 -36.79 -11.86
C LYS A 60 -7.70 -38.15 -12.33
N ILE A 61 -6.49 -38.14 -12.89
CA ILE A 61 -5.88 -39.35 -13.44
C ILE A 61 -4.83 -39.86 -12.45
N ILE A 62 -5.18 -40.97 -11.80
CA ILE A 62 -4.40 -41.54 -10.69
CA ILE A 62 -4.37 -41.48 -10.71
C ILE A 62 -3.25 -42.41 -11.21
N LYS A 63 -2.08 -42.30 -10.57
CA LYS A 63 -0.92 -43.13 -10.87
C LYS A 63 -1.26 -44.62 -10.83
N ASN A 64 -0.60 -45.40 -11.70
CA ASN A 64 -0.77 -46.86 -11.71
C ASN A 64 0.08 -47.54 -10.63
N VAL A 65 -0.01 -47.00 -9.41
CA VAL A 65 0.76 -47.48 -8.27
C VAL A 65 -0.25 -47.88 -7.19
N GLU A 66 -0.08 -49.09 -6.64
CA GLU A 66 -1.10 -49.72 -5.81
C GLU A 66 -1.62 -48.85 -4.67
N LYS A 67 -0.73 -48.16 -3.96
CA LYS A 67 -1.16 -47.37 -2.81
C LYS A 67 -2.07 -46.19 -3.20
N TYR A 68 -1.83 -45.59 -4.36
CA TYR A 68 -2.68 -44.52 -4.87
C TYR A 68 -3.97 -45.07 -5.46
N LYS A 69 -3.86 -46.24 -6.10
CA LYS A 69 -5.02 -46.99 -6.57
C LYS A 69 -5.95 -47.38 -5.43
N GLU A 70 -5.39 -47.76 -4.29
CA GLU A 70 -6.19 -48.05 -3.09
C GLU A 70 -6.88 -46.80 -2.54
N ALA A 71 -6.13 -45.71 -2.42
CA ALA A 71 -6.67 -44.44 -1.95
C ALA A 71 -7.80 -43.93 -2.84
N ALA A 72 -7.66 -44.15 -4.14
CA ALA A 72 -8.67 -43.78 -5.13
C ALA A 72 -9.99 -44.54 -4.94
N ARG A 73 -9.89 -45.84 -4.68
CA ARG A 73 -11.07 -46.67 -4.40
C ARG A 73 -11.83 -46.17 -3.17
N LEU A 74 -11.09 -45.86 -2.11
CA LEU A 74 -11.70 -45.31 -0.90
C LEU A 74 -12.35 -43.95 -1.20
N GLU A 75 -11.65 -43.09 -1.95
CA GLU A 75 -12.20 -41.77 -2.33
C GLU A 75 -13.51 -41.92 -3.09
N ILE A 76 -13.50 -42.78 -4.11
CA ILE A 76 -14.69 -43.08 -4.91
C ILE A 76 -15.88 -43.48 -4.02
N ASN A 77 -15.62 -44.36 -3.06
CA ASN A 77 -16.64 -44.81 -2.12
CA ASN A 77 -16.65 -44.80 -2.13
C ASN A 77 -17.19 -43.67 -1.26
N VAL A 78 -16.29 -42.76 -0.87
CA VAL A 78 -16.67 -41.59 -0.09
C VAL A 78 -17.50 -40.62 -0.95
N LEU A 79 -17.10 -40.43 -2.21
CA LEU A 79 -17.81 -39.53 -3.12
C LEU A 79 -19.21 -40.06 -3.48
N GLU A 80 -19.33 -41.38 -3.59
CA GLU A 80 -20.61 -42.03 -3.83
C GLU A 80 -21.56 -41.83 -2.65
N LYS A 81 -21.01 -41.84 -1.44
CA LYS A 81 -21.74 -41.49 -0.24
C LYS A 81 -22.18 -40.02 -0.29
N ILE A 82 -21.25 -39.14 -0.64
CA ILE A 82 -21.53 -37.72 -0.78
C ILE A 82 -22.66 -37.47 -1.79
N ASN A 83 -22.59 -38.12 -2.95
CA ASN A 83 -23.64 -38.01 -3.96
C ASN A 83 -24.98 -38.56 -3.48
N GLU A 84 -24.94 -39.71 -2.79
CA GLU A 84 -26.15 -40.30 -2.21
C GLU A 84 -26.84 -39.35 -1.24
N LYS A 85 -26.10 -38.88 -0.25
CA LYS A 85 -26.65 -38.03 0.82
C LYS A 85 -26.86 -36.57 0.41
N ASP A 86 -26.28 -36.17 -0.71
CA ASP A 86 -26.37 -34.78 -1.19
C ASP A 86 -26.58 -34.72 -2.72
N PRO A 87 -27.71 -35.26 -3.21
CA PRO A 87 -27.96 -35.41 -4.65
C PRO A 87 -27.89 -34.11 -5.46
N ASP A 88 -28.32 -33.00 -4.86
CA ASP A 88 -28.29 -31.69 -5.53
C ASP A 88 -26.94 -30.98 -5.48
N ASN A 89 -25.95 -31.62 -4.86
CA ASN A 89 -24.62 -31.02 -4.67
C ASN A 89 -24.72 -29.69 -3.93
N LYS A 90 -25.30 -29.73 -2.74
CA LYS A 90 -25.62 -28.54 -1.96
C LYS A 90 -24.76 -28.35 -0.72
N ASN A 91 -24.12 -29.42 -0.25
CA ASN A 91 -23.35 -29.39 0.98
C ASN A 91 -21.87 -29.04 0.81
N LEU A 92 -21.53 -28.53 -0.37
CA LEU A 92 -20.25 -27.88 -0.67
C LEU A 92 -19.00 -28.78 -0.76
N CYS A 93 -19.22 -30.08 -0.77
CA CYS A 93 -18.17 -31.02 -1.17
C CYS A 93 -18.27 -31.23 -2.68
N VAL A 94 -17.11 -31.27 -3.34
CA VAL A 94 -17.05 -31.37 -4.80
C VAL A 94 -17.88 -32.54 -5.34
N GLN A 95 -18.52 -32.33 -6.48
CA GLN A 95 -19.37 -33.35 -7.08
C GLN A 95 -18.61 -34.21 -8.08
N MET A 96 -18.65 -35.52 -7.87
CA MET A 96 -18.12 -36.49 -8.83
C MET A 96 -19.18 -36.84 -9.89
N PHE A 97 -18.79 -36.85 -11.15
CA PHE A 97 -19.69 -37.24 -12.23
C PHE A 97 -19.57 -38.73 -12.52
N ASP A 98 -18.36 -39.17 -12.84
CA ASP A 98 -18.09 -40.56 -13.21
C ASP A 98 -16.70 -40.99 -12.76
N TRP A 99 -16.48 -42.30 -12.75
CA TRP A 99 -15.16 -42.87 -12.49
C TRP A 99 -14.98 -44.13 -13.31
N PHE A 100 -13.73 -44.46 -13.61
CA PHE A 100 -13.40 -45.65 -14.37
C PHE A 100 -11.91 -46.01 -14.31
N ASP A 101 -11.61 -47.27 -14.64
CA ASP A 101 -10.25 -47.77 -14.69
C ASP A 101 -9.75 -47.72 -16.14
N TYR A 102 -8.71 -46.93 -16.36
CA TYR A 102 -8.08 -46.80 -17.68
C TYR A 102 -6.69 -47.42 -17.67
N HIS A 103 -6.63 -48.70 -18.06
CA HIS A 103 -5.37 -49.46 -18.15
C HIS A 103 -4.55 -49.44 -16.85
N GLY A 104 -5.23 -49.52 -15.71
CA GLY A 104 -4.57 -49.48 -14.41
C GLY A 104 -4.62 -48.11 -13.73
N HIS A 105 -4.91 -47.07 -14.52
CA HIS A 105 -5.03 -45.72 -13.98
C HIS A 105 -6.49 -45.42 -13.69
N MET A 106 -6.82 -45.28 -12.41
CA MET A 106 -8.16 -44.84 -12.03
C MET A 106 -8.35 -43.40 -12.49
N CYS A 107 -9.54 -43.10 -13.00
CA CYS A 107 -9.86 -41.74 -13.42
C CYS A 107 -11.17 -41.33 -12.80
N ILE A 108 -11.18 -40.18 -12.14
CA ILE A 108 -12.42 -39.65 -11.56
C ILE A 108 -12.75 -38.30 -12.21
N SER A 109 -14.00 -38.18 -12.65
CA SER A 109 -14.49 -36.98 -13.29
C SER A 109 -15.23 -36.12 -12.28
N PHE A 110 -14.87 -34.83 -12.22
CA PHE A 110 -15.49 -33.86 -11.29
C PHE A 110 -15.94 -32.63 -12.04
N GLU A 111 -16.86 -31.87 -11.43
CA GLU A 111 -17.15 -30.51 -11.87
C GLU A 111 -15.86 -29.70 -11.88
N LEU A 112 -15.69 -28.87 -12.91
CA LEU A 112 -14.52 -28.04 -13.04
C LEU A 112 -14.59 -26.87 -12.06
N LEU A 113 -13.47 -26.59 -11.39
CA LEU A 113 -13.39 -25.52 -10.40
C LEU A 113 -12.17 -24.65 -10.66
N GLY A 114 -12.10 -23.52 -9.95
CA GLY A 114 -10.99 -22.59 -10.10
C GLY A 114 -9.82 -22.90 -9.16
N LEU A 115 -8.94 -21.91 -8.98
CA LEU A 115 -7.76 -22.04 -8.13
C LEU A 115 -8.14 -22.24 -6.67
N SER A 116 -7.25 -22.92 -5.94
CA SER A 116 -7.47 -23.16 -4.52
C SER A 116 -7.29 -21.86 -3.73
N THR A 117 -7.84 -21.84 -2.53
CA THR A 117 -7.71 -20.68 -1.64
C THR A 117 -6.26 -20.43 -1.27
N PHE A 118 -5.44 -21.48 -1.31
CA PHE A 118 -4.00 -21.31 -1.11
C PHE A 118 -3.32 -20.63 -2.31
N ASP A 119 -3.59 -21.14 -3.51
CA ASP A 119 -2.92 -20.68 -4.72
C ASP A 119 -3.29 -19.25 -5.10
N PHE A 120 -4.54 -18.87 -4.82
CA PHE A 120 -4.95 -17.48 -4.97
C PHE A 120 -4.15 -16.60 -4.02
N LEU A 121 -4.05 -17.03 -2.76
CA LEU A 121 -3.27 -16.33 -1.73
C LEU A 121 -1.81 -16.21 -2.16
N LYS A 122 -1.20 -17.34 -2.55
CA LYS A 122 0.20 -17.37 -2.99
C LYS A 122 0.46 -16.39 -4.13
N ASP A 123 -0.36 -16.48 -5.18
CA ASP A 123 -0.21 -15.64 -6.36
C ASP A 123 -0.40 -14.17 -6.03
N ASN A 124 -1.14 -13.90 -4.95
CA ASN A 124 -1.42 -12.55 -4.48
C ASN A 124 -0.44 -12.07 -3.39
N ASN A 125 0.78 -12.60 -3.42
CA ASN A 125 1.84 -12.23 -2.46
C ASN A 125 1.54 -12.52 -0.98
N TYR A 126 0.72 -13.55 -0.74
CA TYR A 126 0.29 -13.91 0.63
C TYR A 126 -0.39 -12.74 1.35
N LEU A 127 -0.99 -11.84 0.59
CA LEU A 127 -1.82 -10.80 1.17
C LEU A 127 -3.05 -11.44 1.80
N PRO A 128 -3.22 -11.25 3.12
CA PRO A 128 -4.32 -11.90 3.84
C PRO A 128 -5.69 -11.56 3.28
N TYR A 129 -6.61 -12.51 3.34
CA TYR A 129 -8.00 -12.26 2.98
C TYR A 129 -8.63 -11.26 3.96
N PRO A 130 -9.38 -10.27 3.43
CA PRO A 130 -10.14 -9.37 4.30
C PRO A 130 -11.16 -10.18 5.10
N ILE A 131 -11.51 -9.69 6.28
CA ILE A 131 -12.29 -10.48 7.24
C ILE A 131 -13.65 -10.98 6.73
N HIS A 132 -14.32 -10.21 5.88
CA HIS A 132 -15.62 -10.62 5.35
C HIS A 132 -15.48 -11.84 4.44
N GLN A 133 -14.39 -11.90 3.71
CA GLN A 133 -14.07 -13.07 2.90
C GLN A 133 -13.67 -14.26 3.79
N VAL A 134 -12.89 -13.99 4.83
CA VAL A 134 -12.52 -15.03 5.81
C VAL A 134 -13.80 -15.64 6.39
N ARG A 135 -14.75 -14.80 6.75
CA ARG A 135 -16.02 -15.23 7.35
C ARG A 135 -16.78 -16.20 6.46
N HIS A 136 -16.98 -15.81 5.20
CA HIS A 136 -17.73 -16.62 4.24
C HIS A 136 -16.99 -17.91 3.87
N MET A 137 -15.67 -17.82 3.68
CA MET A 137 -14.85 -18.98 3.38
C MET A 137 -14.86 -19.97 4.53
N ALA A 138 -14.73 -19.46 5.75
CA ALA A 138 -14.69 -20.30 6.94
C ALA A 138 -16.04 -20.96 7.18
N PHE A 139 -17.11 -20.20 6.94
CA PHE A 139 -18.48 -20.70 7.11
C PHE A 139 -18.77 -21.90 6.19
N GLN A 140 -18.45 -21.74 4.90
CA GLN A 140 -18.62 -22.82 3.92
C GLN A 140 -17.78 -24.05 4.25
N LEU A 141 -16.58 -23.81 4.74
CA LEU A 141 -15.66 -24.86 5.16
C LEU A 141 -16.30 -25.67 6.28
N CYS A 142 -16.84 -24.96 7.28
CA CYS A 142 -17.51 -25.61 8.39
C CYS A 142 -18.76 -26.36 7.95
N GLN A 143 -19.51 -25.80 6.99
CA GLN A 143 -20.70 -26.47 6.46
C GLN A 143 -20.34 -27.79 5.75
N ALA A 144 -19.38 -27.71 4.83
CA ALA A 144 -18.97 -28.84 4.04
C ALA A 144 -18.43 -29.98 4.90
N VAL A 145 -17.60 -29.65 5.88
CA VAL A 145 -17.03 -30.66 6.77
C VAL A 145 -18.03 -31.14 7.83
N LYS A 146 -18.96 -30.28 8.26
CA LYS A 146 -20.04 -30.74 9.16
C LYS A 146 -20.86 -31.85 8.50
N PHE A 147 -21.13 -31.69 7.22
CA PHE A 147 -21.83 -32.70 6.43
C PHE A 147 -21.10 -34.04 6.49
N LEU A 148 -19.76 -34.01 6.37
CA LEU A 148 -18.95 -35.23 6.50
C LEU A 148 -19.06 -35.82 7.91
N HIS A 149 -18.99 -34.94 8.92
CA HIS A 149 -19.08 -35.37 10.32
C HIS A 149 -20.46 -35.94 10.67
N ASP A 150 -21.49 -35.49 9.96
CA ASP A 150 -22.86 -36.01 10.16
C ASP A 150 -23.00 -37.44 9.61
N ASN A 151 -22.20 -37.74 8.58
CA ASN A 151 -22.26 -39.03 7.92
C ASN A 151 -21.08 -39.94 8.25
N LYS A 152 -20.66 -39.89 9.52
CA LYS A 152 -19.61 -40.77 10.08
C LYS A 152 -18.26 -40.72 9.34
N LEU A 153 -17.95 -39.56 8.76
CA LEU A 153 -16.71 -39.36 8.02
C LEU A 153 -15.78 -38.35 8.69
N THR A 154 -14.49 -38.54 8.44
CA THR A 154 -13.45 -37.58 8.80
C THR A 154 -12.57 -37.40 7.57
N HIS A 155 -12.40 -36.16 7.14
CA HIS A 155 -11.58 -35.83 5.96
C HIS A 155 -10.10 -36.11 6.21
N THR A 156 -9.58 -35.59 7.33
CA THR A 156 -8.21 -35.83 7.82
C THR A 156 -7.10 -35.04 7.10
N ASP A 157 -7.36 -34.51 5.92
CA ASP A 157 -6.33 -33.76 5.21
C ASP A 157 -6.82 -32.40 4.74
N LEU A 158 -7.57 -31.72 5.60
CA LEU A 158 -8.06 -30.39 5.29
C LEU A 158 -6.92 -29.38 5.25
N LYS A 159 -6.90 -28.59 4.20
CA LYS A 159 -5.91 -27.53 4.02
C LYS A 159 -6.34 -26.57 2.90
N PRO A 160 -5.71 -25.40 2.80
CA PRO A 160 -6.09 -24.39 1.81
C PRO A 160 -6.03 -24.88 0.36
N GLU A 161 -5.13 -25.83 0.07
CA GLU A 161 -5.00 -26.37 -1.28
C GLU A 161 -6.20 -27.23 -1.69
N ASN A 162 -6.91 -27.75 -0.68
CA ASN A 162 -8.04 -28.64 -0.92
C ASN A 162 -9.38 -27.93 -0.76
N ILE A 163 -9.31 -26.60 -0.73
CA ILE A 163 -10.50 -25.76 -0.74
C ILE A 163 -10.41 -24.88 -1.98
N LEU A 164 -11.27 -25.16 -2.95
CA LEU A 164 -11.21 -24.53 -4.26
C LEU A 164 -12.31 -23.50 -4.43
N PHE A 165 -11.96 -22.34 -5.01
CA PHE A 165 -12.97 -21.38 -5.42
C PHE A 165 -13.74 -21.98 -6.59
N VAL A 166 -15.08 -21.84 -6.57
CA VAL A 166 -15.92 -22.20 -7.71
C VAL A 166 -15.45 -21.42 -8.93
N ASN A 167 -15.13 -20.15 -8.72
CA ASN A 167 -14.58 -19.28 -9.75
C ASN A 167 -13.57 -18.36 -9.07
N SER A 168 -12.31 -18.43 -9.52
CA SER A 168 -11.23 -17.69 -8.88
C SER A 168 -10.88 -16.39 -9.60
N ASP A 169 -11.77 -15.93 -10.47
CA ASP A 169 -11.65 -14.61 -11.10
C ASP A 169 -11.53 -13.52 -10.04
N TYR A 170 -10.76 -12.47 -10.33
CA TYR A 170 -10.49 -11.42 -9.36
C TYR A 170 -10.66 -10.00 -9.92
N GLU A 171 -10.81 -9.03 -9.02
CA GLU A 171 -10.83 -7.61 -9.38
C GLU A 171 -9.58 -6.94 -8.82
N LEU A 172 -9.00 -6.02 -9.61
CA LEU A 172 -7.97 -5.13 -9.09
C LEU A 172 -8.65 -3.91 -8.48
N THR A 173 -8.99 -4.00 -7.20
CA THR A 173 -9.66 -2.91 -6.50
C THR A 173 -8.66 -1.93 -5.89
N TYR A 174 -9.02 -0.64 -5.91
CA TYR A 174 -8.15 0.42 -5.42
C TYR A 174 -8.16 0.51 -3.89
N ASN A 175 -6.96 0.46 -3.31
CA ASN A 175 -6.79 0.64 -1.87
C ASN A 175 -6.03 1.94 -1.59
N LEU A 176 -6.77 2.94 -1.10
CA LEU A 176 -6.25 4.29 -0.87
C LEU A 176 -5.25 4.34 0.29
N GLU A 177 -5.43 3.47 1.28
CA GLU A 177 -4.62 3.44 2.49
C GLU A 177 -3.13 3.25 2.19
N LYS A 178 -2.83 2.38 1.23
CA LYS A 178 -1.45 2.01 0.90
C LYS A 178 -0.96 2.62 -0.41
N LYS A 179 -1.87 3.34 -1.10
CA LYS A 179 -1.62 3.91 -2.43
C LYS A 179 -1.30 2.84 -3.49
N ARG A 180 -1.94 1.67 -3.34
CA ARG A 180 -1.73 0.52 -4.21
C ARG A 180 -3.05 -0.01 -4.76
N ASP A 181 -2.94 -0.89 -5.76
CA ASP A 181 -4.06 -1.71 -6.20
C ASP A 181 -3.87 -3.14 -5.69
N GLU A 182 -4.98 -3.80 -5.37
CA GLU A 182 -4.93 -5.14 -4.78
C GLU A 182 -5.93 -6.11 -5.41
N ARG A 183 -5.50 -7.35 -5.60
CA ARG A 183 -6.36 -8.42 -6.11
C ARG A 183 -7.36 -8.87 -5.04
N SER A 184 -8.61 -9.04 -5.45
CA SER A 184 -9.67 -9.54 -4.59
CA SER A 184 -9.67 -9.54 -4.59
C SER A 184 -10.57 -10.47 -5.39
N VAL A 185 -10.73 -11.70 -4.91
CA VAL A 185 -11.58 -12.67 -5.60
C VAL A 185 -13.01 -12.16 -5.61
N LYS A 186 -13.63 -12.17 -6.79
CA LYS A 186 -14.97 -11.63 -6.97
C LYS A 186 -16.00 -12.41 -6.16
N SER A 187 -15.87 -13.74 -6.21
CA SER A 187 -16.77 -14.63 -5.49
C SER A 187 -16.01 -15.59 -4.58
N THR A 188 -16.49 -15.72 -3.34
CA THR A 188 -15.82 -16.55 -2.33
C THR A 188 -16.49 -17.91 -2.12
N ALA A 189 -17.34 -18.30 -3.07
CA ALA A 189 -17.92 -19.65 -3.10
C ALA A 189 -16.82 -20.70 -3.25
N VAL A 190 -16.85 -21.73 -2.41
CA VAL A 190 -15.82 -22.76 -2.41
C VAL A 190 -16.38 -24.19 -2.40
N ARG A 191 -15.53 -25.15 -2.76
CA ARG A 191 -15.81 -26.57 -2.53
C ARG A 191 -14.61 -27.22 -1.86
N VAL A 192 -14.87 -28.21 -1.00
CA VAL A 192 -13.84 -29.06 -0.43
C VAL A 192 -13.58 -30.21 -1.40
N VAL A 193 -12.29 -30.52 -1.61
CA VAL A 193 -11.87 -31.59 -2.53
C VAL A 193 -10.89 -32.56 -1.88
N ASP A 194 -10.51 -33.59 -2.64
CA ASP A 194 -9.56 -34.64 -2.21
C ASP A 194 -10.06 -35.44 -1.02
N PHE A 195 -10.69 -36.58 -1.31
CA PHE A 195 -11.25 -37.43 -0.27
C PHE A 195 -10.51 -38.75 -0.20
N GLY A 196 -9.29 -38.76 -0.73
CA GLY A 196 -8.43 -39.94 -0.76
C GLY A 196 -7.93 -40.43 0.58
N SER A 197 -8.10 -39.61 1.62
CA SER A 197 -7.72 -39.97 2.98
C SER A 197 -8.94 -40.03 3.91
N ALA A 198 -10.09 -39.64 3.38
CA ALA A 198 -11.32 -39.60 4.16
C ALA A 198 -11.65 -40.97 4.75
N THR A 199 -11.99 -41.00 6.04
CA THR A 199 -12.12 -42.26 6.77
C THR A 199 -13.46 -42.38 7.49
N PHE A 200 -14.19 -43.46 7.22
CA PHE A 200 -15.42 -43.75 7.96
C PHE A 200 -15.09 -44.16 9.38
N ASP A 201 -16.00 -43.87 10.31
CA ASP A 201 -15.82 -44.22 11.72
C ASP A 201 -15.37 -45.67 11.93
N HIS A 202 -15.89 -46.57 11.09
CA HIS A 202 -15.73 -48.01 11.27
C HIS A 202 -14.50 -48.61 10.56
N GLU A 203 -13.87 -47.81 9.72
CA GLU A 203 -12.71 -48.26 8.93
C GLU A 203 -11.42 -48.16 9.73
N HIS A 204 -10.35 -48.76 9.20
CA HIS A 204 -9.02 -48.66 9.78
C HIS A 204 -8.54 -47.20 9.76
N HIS A 205 -8.07 -46.74 10.92
CA HIS A 205 -7.51 -45.40 11.07
C HIS A 205 -5.98 -45.46 10.96
N SER A 206 -5.43 -44.78 9.96
CA SER A 206 -3.98 -44.58 9.87
C SER A 206 -3.52 -43.87 11.13
N THR A 207 -2.30 -44.18 11.57
CA THR A 207 -1.75 -43.52 12.77
C THR A 207 -1.48 -42.05 12.49
N ILE A 208 -0.77 -41.77 11.39
CA ILE A 208 -0.43 -40.40 11.05
C ILE A 208 -1.29 -39.88 9.89
N VAL A 209 -2.07 -38.84 10.18
CA VAL A 209 -2.91 -38.19 9.19
C VAL A 209 -2.65 -36.68 9.16
N SER A 210 -3.20 -36.02 8.15
CA SER A 210 -3.08 -34.56 7.96
C SER A 210 -1.70 -34.14 7.52
N THR A 211 -1.65 -33.12 6.68
CA THR A 211 -0.40 -32.45 6.34
C THR A 211 0.09 -31.71 7.60
N ARG A 212 1.41 -31.71 7.79
CA ARG A 212 2.06 -31.26 9.03
C ARG A 212 1.42 -30.02 9.68
N HIS A 213 1.31 -28.93 8.95
CA HIS A 213 0.81 -27.68 9.49
C HIS A 213 -0.58 -27.80 10.14
N TYR A 214 -1.38 -28.75 9.65
CA TYR A 214 -2.78 -28.85 10.05
C TYR A 214 -3.06 -30.02 10.98
N ARG A 215 -2.00 -30.66 11.46
CA ARG A 215 -2.11 -31.88 12.24
C ARG A 215 -2.43 -31.58 13.70
N ALA A 216 -3.47 -32.25 14.22
CA ALA A 216 -3.91 -32.11 15.61
C ALA A 216 -2.94 -32.78 16.59
N PRO A 217 -2.87 -32.29 17.86
CA PRO A 217 -1.99 -32.84 18.89
C PRO A 217 -2.27 -34.29 19.24
N GLU A 218 -3.53 -34.74 19.15
CA GLU A 218 -3.85 -36.14 19.43
C GLU A 218 -3.30 -37.07 18.34
N VAL A 219 -3.11 -36.53 17.13
CA VAL A 219 -2.52 -37.28 16.04
C VAL A 219 -1.03 -37.41 16.29
N ILE A 220 -0.37 -36.30 16.62
CA ILE A 220 1.06 -36.27 16.92
C ILE A 220 1.43 -37.21 18.07
N LEU A 221 0.63 -37.18 19.14
CA LEU A 221 0.88 -37.99 20.32
C LEU A 221 0.25 -39.38 20.23
N GLU A 222 -0.39 -39.66 19.09
CA GLU A 222 -0.96 -40.97 18.76
C GLU A 222 -1.97 -41.47 19.79
N LEU A 223 -2.89 -40.60 20.17
CA LEU A 223 -3.91 -40.90 21.18
C LEU A 223 -5.21 -41.41 20.58
N GLY A 224 -5.21 -41.62 19.26
CA GLY A 224 -6.44 -41.88 18.54
C GLY A 224 -7.05 -40.56 18.10
N TRP A 225 -7.68 -40.57 16.93
CA TRP A 225 -8.29 -39.38 16.37
C TRP A 225 -9.60 -39.74 15.70
N SER A 226 -10.51 -38.77 15.65
CA SER A 226 -11.73 -38.90 14.88
C SER A 226 -12.07 -37.51 14.33
N GLN A 227 -13.36 -37.17 14.29
CA GLN A 227 -13.79 -35.88 13.74
C GLN A 227 -13.08 -34.63 14.31
N PRO A 228 -12.87 -34.56 15.64
CA PRO A 228 -12.20 -33.38 16.20
C PRO A 228 -10.90 -32.95 15.48
N CYS A 229 -10.14 -33.91 14.95
CA CYS A 229 -8.88 -33.56 14.29
C CYS A 229 -9.07 -32.71 13.03
N ASP A 230 -10.23 -32.83 12.39
CA ASP A 230 -10.64 -31.94 11.29
C ASP A 230 -10.83 -30.51 11.77
N VAL A 231 -11.43 -30.36 12.95
CA VAL A 231 -11.71 -29.04 13.54
C VAL A 231 -10.41 -28.30 13.86
N TRP A 232 -9.42 -29.03 14.40
CA TRP A 232 -8.09 -28.48 14.59
C TRP A 232 -7.55 -27.94 13.27
N SER A 233 -7.64 -28.74 12.22
CA SER A 233 -7.15 -28.33 10.90
C SER A 233 -7.83 -27.07 10.44
N ILE A 234 -9.17 -27.01 10.61
CA ILE A 234 -9.97 -25.85 10.21
C ILE A 234 -9.51 -24.59 10.94
N GLY A 235 -9.22 -24.74 12.23
CA GLY A 235 -8.71 -23.64 13.04
C GLY A 235 -7.42 -23.05 12.48
N CYS A 236 -6.49 -23.92 12.11
CA CYS A 236 -5.25 -23.50 11.47
C CYS A 236 -5.49 -22.83 10.12
N ILE A 237 -6.44 -23.37 9.35
CA ILE A 237 -6.73 -22.84 8.02
C ILE A 237 -7.29 -21.42 8.14
N ILE A 238 -8.22 -21.24 9.07
CA ILE A 238 -8.84 -19.93 9.25
C ILE A 238 -7.81 -18.90 9.69
N PHE A 239 -6.95 -19.26 10.65
CA PHE A 239 -5.87 -18.38 11.06
C PHE A 239 -5.10 -17.94 9.83
N GLU A 240 -4.73 -18.91 9.00
CA GLU A 240 -3.93 -18.70 7.80
C GLU A 240 -4.59 -17.73 6.81
N TYR A 241 -5.90 -17.88 6.58
CA TYR A 241 -6.66 -16.93 5.75
C TYR A 241 -6.55 -15.48 6.26
N TYR A 242 -6.47 -15.35 7.58
CA TYR A 242 -6.52 -14.04 8.24
C TYR A 242 -5.18 -13.29 8.21
N VAL A 243 -4.07 -14.02 8.37
CA VAL A 243 -2.73 -13.40 8.39
C VAL A 243 -1.85 -13.72 7.18
N GLY A 244 -2.21 -14.75 6.43
CA GLY A 244 -1.48 -15.09 5.19
C GLY A 244 -0.36 -16.12 5.32
N PHE A 245 -0.01 -16.49 6.54
CA PHE A 245 1.06 -17.46 6.78
C PHE A 245 0.58 -18.58 7.71
N THR A 246 1.26 -19.72 7.66
CA THR A 246 0.88 -20.89 8.47
C THR A 246 1.08 -20.59 9.95
N LEU A 247 0.17 -21.10 10.78
CA LEU A 247 0.26 -20.95 12.22
C LEU A 247 1.45 -21.75 12.76
N PHE A 248 1.57 -22.98 12.27
CA PHE A 248 2.62 -23.89 12.70
C PHE A 248 3.59 -24.15 11.55
N GLN A 249 4.61 -23.29 11.46
CA GLN A 249 5.64 -23.40 10.44
C GLN A 249 6.79 -24.26 10.96
N THR A 250 6.68 -25.56 10.74
CA THR A 250 7.56 -26.57 11.32
C THR A 250 7.41 -27.92 10.62
N HIS A 251 8.38 -28.82 10.82
CA HIS A 251 8.33 -30.16 10.24
C HIS A 251 8.81 -31.20 11.25
N ASP A 252 8.71 -30.83 12.52
CA ASP A 252 9.28 -31.63 13.60
C ASP A 252 8.33 -31.66 14.78
N ASN A 253 8.00 -32.88 15.22
CA ASN A 253 7.12 -33.11 16.38
C ASN A 253 7.44 -32.30 17.62
N ARG A 254 8.68 -32.38 18.09
CA ARG A 254 9.09 -31.68 19.30
C ARG A 254 8.92 -30.17 19.15
N GLU A 255 9.40 -29.63 18.03
CA GLU A 255 9.26 -28.20 17.71
C GLU A 255 7.79 -27.80 17.57
N HIS A 256 7.03 -28.66 16.88
CA HIS A 256 5.60 -28.43 16.70
C HIS A 256 4.93 -28.28 18.06
N LEU A 257 5.16 -29.25 18.93
CA LEU A 257 4.62 -29.25 20.29
C LEU A 257 5.06 -28.05 21.13
N ALA A 258 6.30 -27.59 20.91
CA ALA A 258 6.81 -26.39 21.56
C ALA A 258 6.08 -25.14 21.07
N MET A 259 5.87 -25.08 19.75
CA MET A 259 5.11 -23.97 19.15
C MET A 259 3.68 -23.95 19.67
N MET A 260 3.05 -25.14 19.78
CA MET A 260 1.72 -25.26 20.38
C MET A 260 1.71 -24.65 21.78
N GLU A 261 2.67 -25.03 22.62
CA GLU A 261 2.74 -24.48 23.98
C GLU A 261 2.93 -22.97 23.99
N ARG A 262 3.75 -22.47 23.06
CA ARG A 262 4.02 -21.04 22.97
C ARG A 262 2.78 -20.26 22.54
N ILE A 263 2.08 -20.80 21.55
CA ILE A 263 0.88 -20.18 21.01
C ILE A 263 -0.36 -20.39 21.88
N LEU A 264 -0.47 -21.56 22.50
CA LEU A 264 -1.71 -21.96 23.17
C LEU A 264 -1.61 -22.24 24.67
N GLY A 265 -0.38 -22.35 25.20
CA GLY A 265 -0.19 -22.69 26.61
C GLY A 265 0.15 -24.17 26.78
N PRO A 266 0.51 -24.57 28.02
CA PRO A 266 0.92 -25.96 28.27
C PRO A 266 -0.07 -27.03 27.81
N ILE A 267 0.47 -28.12 27.27
CA ILE A 267 -0.27 -29.32 26.92
C ILE A 267 -0.79 -29.98 28.20
N PRO A 268 -2.07 -30.41 28.20
CA PRO A 268 -2.66 -31.10 29.35
C PRO A 268 -1.84 -32.33 29.78
N SER A 269 -1.69 -32.48 31.09
CA SER A 269 -0.94 -33.59 31.67
C SER A 269 -1.49 -34.96 31.26
N ARG A 270 -2.82 -35.07 31.19
CA ARG A 270 -3.48 -36.32 30.82
C ARG A 270 -2.95 -36.84 29.49
N MET A 271 -2.76 -35.93 28.53
CA MET A 271 -2.26 -36.30 27.20
C MET A 271 -0.78 -36.67 27.25
N ILE A 272 -0.01 -35.91 28.02
CA ILE A 272 1.42 -36.16 28.22
C ILE A 272 1.67 -37.53 28.86
N ARG A 273 0.83 -37.91 29.83
CA ARG A 273 1.01 -39.17 30.53
C ARG A 273 0.50 -40.39 29.75
N LYS A 274 -0.55 -40.17 28.95
CA LYS A 274 -1.17 -41.23 28.16
C LYS A 274 -0.37 -41.63 26.91
N THR A 275 0.19 -40.64 26.22
CA THR A 275 0.92 -40.91 24.97
C THR A 275 2.06 -41.92 25.13
N ARG A 276 2.31 -42.70 24.08
CA ARG A 276 3.46 -43.60 24.05
C ARG A 276 4.72 -42.86 23.57
N LYS A 277 4.51 -41.63 23.09
CA LYS A 277 5.61 -40.77 22.65
C LYS A 277 6.26 -40.04 23.83
N GLN A 278 6.75 -40.82 24.79
CA GLN A 278 7.40 -40.31 25.99
C GLN A 278 8.74 -39.61 25.71
N LYS A 279 9.31 -39.89 24.54
CA LYS A 279 10.56 -39.26 24.10
C LYS A 279 10.49 -37.73 24.14
N TYR A 280 9.30 -37.18 23.91
CA TYR A 280 9.13 -35.73 23.82
C TYR A 280 8.98 -35.05 25.19
N PHE A 281 8.95 -35.86 26.24
CA PHE A 281 8.61 -35.35 27.58
C PHE A 281 9.62 -35.73 28.66
N TYR A 282 9.75 -34.85 29.65
CA TYR A 282 10.61 -35.08 30.80
C TYR A 282 9.93 -34.59 32.07
N ARG A 283 9.92 -35.44 33.09
CA ARG A 283 9.30 -35.14 34.39
C ARG A 283 7.87 -34.59 34.25
N GLY A 284 7.10 -35.21 33.35
CA GLY A 284 5.69 -34.89 33.16
C GLY A 284 5.38 -33.61 32.41
N ARG A 285 6.38 -33.05 31.74
CA ARG A 285 6.22 -31.83 30.94
C ARG A 285 7.04 -31.93 29.67
N LEU A 286 6.74 -31.08 28.69
CA LEU A 286 7.46 -31.07 27.43
C LEU A 286 8.93 -30.86 27.69
N ASP A 287 9.74 -31.74 27.13
CA ASP A 287 11.19 -31.67 27.23
C ASP A 287 11.70 -30.72 26.16
N TRP A 288 11.75 -29.45 26.50
CA TRP A 288 12.10 -28.40 25.56
C TRP A 288 12.75 -27.25 26.32
N ASP A 289 14.00 -27.00 26.00
CA ASP A 289 14.76 -25.94 26.62
C ASP A 289 14.58 -24.64 25.82
N GLU A 290 13.81 -23.72 26.39
CA GLU A 290 13.53 -22.43 25.75
C GLU A 290 14.79 -21.56 25.60
N ASN A 291 15.79 -21.85 26.42
CA ASN A 291 17.00 -21.03 26.48
C ASN A 291 18.06 -21.38 25.41
N THR A 292 17.88 -22.51 24.75
CA THR A 292 18.76 -22.92 23.66
C THR A 292 18.47 -22.10 22.39
N SER A 293 19.23 -22.35 21.33
CA SER A 293 19.02 -21.65 20.06
C SER A 293 17.74 -22.13 19.39
N ALA A 294 17.39 -23.40 19.60
CA ALA A 294 16.13 -23.96 19.12
C ALA A 294 14.94 -23.29 19.81
N GLY A 295 15.09 -23.04 21.10
CA GLY A 295 14.06 -22.40 21.91
C GLY A 295 13.88 -20.94 21.56
N ARG A 296 15.01 -20.27 21.29
CA ARG A 296 14.99 -18.87 20.84
C ARG A 296 14.17 -18.74 19.56
N TYR A 297 14.40 -19.65 18.61
CA TYR A 297 13.67 -19.66 17.35
C TYR A 297 12.15 -19.68 17.54
N VAL A 298 11.68 -20.60 18.40
CA VAL A 298 10.24 -20.73 18.68
C VAL A 298 9.70 -19.50 19.42
N ARG A 299 10.45 -19.03 20.41
CA ARG A 299 10.09 -17.81 21.15
C ARG A 299 9.91 -16.58 20.25
N GLU A 300 10.75 -16.48 19.23
CA GLU A 300 10.81 -15.26 18.40
C GLU A 300 9.86 -15.31 17.19
N ASN A 301 9.56 -16.51 16.72
CA ASN A 301 8.77 -16.69 15.49
C ASN A 301 7.30 -17.04 15.69
N CYS A 302 6.89 -17.24 16.93
CA CYS A 302 5.48 -17.34 17.26
C CYS A 302 5.20 -16.86 18.68
N LYS A 303 3.93 -16.61 18.96
CA LYS A 303 3.49 -15.98 20.20
C LYS A 303 2.08 -16.45 20.55
N PRO A 304 1.60 -16.13 21.77
CA PRO A 304 0.19 -16.42 22.11
C PRO A 304 -0.80 -15.98 21.02
N LEU A 305 -1.70 -16.91 20.69
CA LEU A 305 -2.64 -16.79 19.56
C LEU A 305 -3.27 -15.41 19.39
N ARG A 306 -3.89 -14.88 20.44
CA ARG A 306 -4.60 -13.61 20.36
C ARG A 306 -3.74 -12.43 19.92
N ARG A 307 -2.43 -12.52 20.15
CA ARG A 307 -1.51 -11.43 19.82
C ARG A 307 -1.37 -11.19 18.31
N TYR A 308 -1.91 -12.08 17.48
CA TYR A 308 -1.86 -11.91 16.02
C TYR A 308 -2.99 -11.02 15.48
N LEU A 309 -3.92 -10.64 16.35
CA LEU A 309 -4.98 -9.70 15.99
C LEU A 309 -4.41 -8.46 15.34
N THR A 310 -4.95 -8.08 14.19
CA THR A 310 -4.50 -6.88 13.48
C THR A 310 -5.48 -5.71 13.69
N SER A 311 -6.44 -5.91 14.58
CA SER A 311 -7.48 -4.93 14.90
C SER A 311 -8.14 -5.28 16.22
N GLU A 312 -8.68 -4.27 16.89
CA GLU A 312 -9.33 -4.43 18.20
C GLU A 312 -10.85 -4.46 18.09
N ALA A 313 -11.37 -4.34 16.86
CA ALA A 313 -12.80 -4.42 16.59
C ALA A 313 -13.38 -5.76 17.04
N GLU A 314 -14.60 -5.74 17.57
CA GLU A 314 -15.24 -6.93 18.13
C GLU A 314 -15.32 -8.10 17.15
N GLU A 315 -15.60 -7.81 15.88
CA GLU A 315 -15.69 -8.87 14.86
C GLU A 315 -14.37 -9.63 14.67
N HIS A 316 -13.25 -8.97 14.96
CA HIS A 316 -11.94 -9.61 14.90
C HIS A 316 -11.73 -10.49 16.14
N HIS A 317 -12.15 -10.00 17.30
CA HIS A 317 -12.09 -10.77 18.53
C HIS A 317 -12.99 -12.00 18.47
N GLN A 318 -14.14 -11.87 17.81
CA GLN A 318 -15.05 -12.98 17.59
C GLN A 318 -14.38 -14.07 16.75
N LEU A 319 -13.64 -13.65 15.72
CA LEU A 319 -12.89 -14.59 14.89
C LEU A 319 -11.91 -15.40 15.72
N PHE A 320 -11.22 -14.73 16.65
CA PHE A 320 -10.22 -15.41 17.47
C PHE A 320 -10.83 -16.27 18.58
N ASP A 321 -12.04 -15.90 19.03
CA ASP A 321 -12.86 -16.77 19.88
C ASP A 321 -13.11 -18.09 19.15
N LEU A 322 -13.41 -17.99 17.86
CA LEU A 322 -13.66 -19.16 17.02
C LEU A 322 -12.42 -20.02 16.90
N ILE A 323 -11.33 -19.43 16.41
CA ILE A 323 -10.06 -20.15 16.23
C ILE A 323 -9.60 -20.79 17.55
N GLU A 324 -9.62 -20.01 18.62
CA GLU A 324 -9.18 -20.46 19.95
C GLU A 324 -9.96 -21.70 20.41
N SER A 325 -11.27 -21.70 20.19
CA SER A 325 -12.12 -22.86 20.55
C SER A 325 -11.87 -24.08 19.69
N MET A 326 -11.46 -23.87 18.45
CA MET A 326 -11.11 -24.97 17.54
C MET A 326 -9.74 -25.56 17.85
N LEU A 327 -8.91 -24.78 18.52
CA LEU A 327 -7.55 -25.22 18.82
C LEU A 327 -7.40 -25.64 20.28
N GLU A 328 -8.50 -26.14 20.86
CA GLU A 328 -8.46 -26.75 22.18
C GLU A 328 -7.71 -28.07 22.08
N TYR A 329 -6.80 -28.28 23.04
CA TYR A 329 -5.97 -29.48 23.06
C TYR A 329 -6.74 -30.81 23.13
N GLU A 330 -7.68 -30.91 24.06
CA GLU A 330 -8.43 -32.16 24.27
C GLU A 330 -9.49 -32.30 23.19
N PRO A 331 -9.36 -33.33 22.34
CA PRO A 331 -10.35 -33.51 21.27
C PRO A 331 -11.81 -33.49 21.77
N ALA A 332 -12.06 -34.08 22.93
CA ALA A 332 -13.42 -34.14 23.49
C ALA A 332 -13.95 -32.79 23.99
N LYS A 333 -13.07 -31.81 24.22
CA LYS A 333 -13.48 -30.48 24.66
C LYS A 333 -13.54 -29.50 23.50
N ARG A 334 -12.98 -29.90 22.36
CA ARG A 334 -12.84 -29.02 21.20
C ARG A 334 -14.21 -28.72 20.60
N LEU A 335 -14.36 -27.51 20.06
CA LEU A 335 -15.59 -27.07 19.44
C LEU A 335 -16.00 -28.05 18.32
N THR A 336 -17.24 -28.55 18.35
CA THR A 336 -17.75 -29.35 17.23
C THR A 336 -18.16 -28.39 16.10
N LEU A 337 -18.31 -28.94 14.90
CA LEU A 337 -18.64 -28.10 13.76
C LEU A 337 -20.09 -27.59 13.77
N GLY A 338 -20.98 -28.37 14.39
CA GLY A 338 -22.35 -27.92 14.64
C GLY A 338 -22.37 -26.69 15.53
N GLU A 339 -21.51 -26.68 16.56
CA GLU A 339 -21.36 -25.52 17.44
C GLU A 339 -20.75 -24.35 16.67
N ALA A 340 -19.76 -24.64 15.82
CA ALA A 340 -19.07 -23.59 15.06
C ALA A 340 -20.02 -22.78 14.18
N LEU A 341 -21.00 -23.44 13.57
CA LEU A 341 -21.94 -22.76 12.67
C LEU A 341 -22.88 -21.80 13.40
N GLN A 342 -22.98 -21.97 14.71
CA GLN A 342 -23.80 -21.11 15.57
C GLN A 342 -22.98 -19.99 16.21
N HIS A 343 -21.68 -19.97 15.93
CA HIS A 343 -20.75 -19.01 16.55
C HIS A 343 -21.05 -17.55 16.16
N PRO A 344 -20.97 -16.62 17.14
CA PRO A 344 -21.26 -15.21 16.87
C PRO A 344 -20.47 -14.61 15.71
N PHE A 345 -19.28 -15.15 15.42
CA PHE A 345 -18.47 -14.60 14.32
C PHE A 345 -19.18 -14.63 12.97
N PHE A 346 -19.98 -15.68 12.75
CA PHE A 346 -20.66 -15.86 11.47
C PHE A 346 -21.95 -15.05 11.35
N ALA A 347 -22.40 -14.46 12.45
CA ALA A 347 -23.71 -13.79 12.52
C ALA A 347 -24.02 -12.84 11.38
N ARG A 348 -23.00 -12.09 10.93
CA ARG A 348 -23.13 -11.13 9.83
C ARG A 348 -23.56 -11.77 8.50
N LEU A 349 -24.13 -12.97 8.57
CA LEU A 349 -24.71 -13.68 7.43
C LEU A 349 -26.14 -14.12 7.78
N ARG A 350 -27.04 -14.04 6.80
CA ARG A 350 -28.43 -14.50 6.99
C ARG A 350 -28.73 -15.76 6.16
N ALA A 351 -29.40 -16.71 6.80
CA ALA A 351 -29.67 -18.04 6.22
C ALA A 351 -30.18 -18.02 4.78
N GLU A 352 -29.62 -18.90 3.94
CA GLU A 352 -30.00 -19.03 2.54
C GLU A 352 -31.31 -19.78 2.39
N SER B 4 7.13 17.33 47.09
CA SER B 4 7.73 18.68 46.87
C SER B 4 9.24 18.65 47.11
N ARG B 5 10.01 18.86 46.04
CA ARG B 5 11.47 18.87 46.11
C ARG B 5 12.03 20.24 46.52
N ARG B 6 13.36 20.30 46.64
CA ARG B 6 14.06 21.51 47.04
C ARG B 6 14.48 22.34 45.81
N ALA B 7 14.23 23.65 45.85
CA ALA B 7 14.60 24.55 44.77
C ALA B 7 16.12 24.75 44.71
N LYS B 8 16.67 24.68 43.50
CA LYS B 8 18.10 24.61 43.27
C LYS B 8 18.77 25.97 43.08
N SER B 9 18.05 26.90 42.47
CA SER B 9 18.56 28.24 42.19
C SER B 9 17.40 29.23 41.94
N VAL B 10 17.76 30.49 41.72
CA VAL B 10 16.79 31.57 41.46
C VAL B 10 15.70 31.14 40.48
N GLU B 11 16.11 30.54 39.37
CA GLU B 11 15.18 29.97 38.40
C GLU B 11 14.79 28.57 38.86
N ASP B 12 13.49 28.38 39.12
CA ASP B 12 13.02 27.17 39.79
C ASP B 12 12.32 26.19 38.85
N ASP B 13 12.94 25.03 38.71
CA ASP B 13 12.45 23.89 37.94
C ASP B 13 10.98 23.53 38.23
N ALA B 14 10.58 23.68 39.50
CA ALA B 14 9.29 23.21 39.98
C ALA B 14 8.18 24.28 40.03
N GLU B 15 8.52 25.50 39.62
CA GLU B 15 7.56 26.61 39.63
C GLU B 15 6.45 26.44 38.60
N GLY B 16 5.21 26.67 39.02
CA GLY B 16 4.08 26.81 38.10
C GLY B 16 3.25 25.56 37.89
N HIS B 17 3.60 24.49 38.59
CA HIS B 17 2.83 23.24 38.50
C HIS B 17 1.48 23.40 39.16
N LEU B 18 0.46 22.72 38.64
CA LEU B 18 -0.78 22.55 39.40
C LEU B 18 -0.46 21.72 40.63
N ILE B 19 -0.77 22.27 41.80
CA ILE B 19 -0.55 21.58 43.08
C ILE B 19 -1.77 20.72 43.41
N TYR B 20 -1.66 19.42 43.15
CA TYR B 20 -2.75 18.47 43.34
C TYR B 20 -2.28 17.36 44.28
N HIS B 21 -3.24 16.61 44.79
CA HIS B 21 -2.93 15.37 45.50
C HIS B 21 -3.72 14.24 44.87
N VAL B 22 -3.15 13.04 44.89
CA VAL B 22 -3.84 11.86 44.39
C VAL B 22 -5.21 11.75 45.05
N GLY B 23 -6.25 11.59 44.23
CA GLY B 23 -7.62 11.65 44.70
C GLY B 23 -8.37 12.91 44.32
N ASP B 24 -7.63 13.97 43.96
CA ASP B 24 -8.25 15.23 43.51
C ASP B 24 -8.92 15.06 42.14
N TRP B 25 -9.98 15.83 41.92
CA TRP B 25 -10.70 15.80 40.64
C TRP B 25 -10.45 17.06 39.83
N LEU B 26 -10.30 16.90 38.51
CA LEU B 26 -10.16 18.03 37.60
C LEU B 26 -11.36 18.14 36.67
N GLN B 27 -11.89 19.36 36.54
CA GLN B 27 -13.08 19.64 35.71
C GLN B 27 -14.31 18.82 36.14
N GLU B 28 -14.42 18.55 37.44
CA GLU B 28 -15.48 17.72 38.01
C GLU B 28 -15.69 16.40 37.24
N ARG B 29 -14.60 15.80 36.77
CA ARG B 29 -14.68 14.66 35.85
C ARG B 29 -13.52 13.67 36.03
N TYR B 30 -12.30 14.19 36.02
CA TYR B 30 -11.09 13.36 36.03
C TYR B 30 -10.51 13.22 37.43
N GLU B 31 -10.60 12.01 37.98
CA GLU B 31 -9.98 11.72 39.27
C GLU B 31 -8.53 11.31 39.05
N ILE B 32 -7.61 12.06 39.64
CA ILE B 32 -6.18 11.77 39.56
C ILE B 32 -5.83 10.55 40.41
N VAL B 33 -5.38 9.48 39.73
CA VAL B 33 -5.04 8.21 40.37
C VAL B 33 -3.55 8.10 40.71
N SER B 34 -2.68 8.55 39.81
CA SER B 34 -1.23 8.56 40.05
C SER B 34 -0.49 9.50 39.12
N THR B 35 0.75 9.82 39.49
CA THR B 35 1.61 10.65 38.67
C THR B 35 2.50 9.76 37.83
N LEU B 36 2.48 9.96 36.52
CA LEU B 36 3.25 9.13 35.60
C LEU B 36 4.61 9.75 35.24
N GLY B 37 4.72 11.07 35.35
CA GLY B 37 5.96 11.71 35.03
C GLY B 37 5.93 13.22 35.07
N GLU B 38 7.12 13.81 35.13
CA GLU B 38 7.29 15.25 35.10
C GLU B 38 8.27 15.63 34.00
N GLY B 39 7.82 16.49 33.11
CA GLY B 39 8.70 17.11 32.11
C GLY B 39 8.84 18.58 32.42
N THR B 40 9.43 19.32 31.49
CA THR B 40 9.63 20.76 31.64
C THR B 40 8.30 21.51 31.56
N PHE B 41 7.36 20.93 30.81
CA PHE B 41 6.04 21.51 30.54
C PHE B 41 5.08 21.48 31.75
N GLY B 42 5.33 20.53 32.65
CA GLY B 42 4.38 20.21 33.71
C GLY B 42 4.41 18.71 33.98
N ARG B 43 3.25 18.14 34.24
CA ARG B 43 3.16 16.73 34.61
C ARG B 43 2.17 15.92 33.77
N VAL B 44 2.38 14.60 33.74
CA VAL B 44 1.40 13.67 33.19
C VAL B 44 0.86 12.82 34.33
N VAL B 45 -0.46 12.75 34.42
CA VAL B 45 -1.12 11.96 35.45
C VAL B 45 -2.06 10.95 34.83
N GLN B 46 -2.30 9.85 35.56
CA GLN B 46 -3.31 8.89 35.17
C GLN B 46 -4.60 9.26 35.88
N CYS B 47 -5.68 9.31 35.13
CA CYS B 47 -6.98 9.64 35.68
C CYS B 47 -8.02 8.58 35.38
N VAL B 48 -9.05 8.54 36.22
CA VAL B 48 -10.28 7.83 35.88
C VAL B 48 -11.27 8.87 35.35
N ASP B 49 -11.73 8.66 34.12
CA ASP B 49 -12.74 9.53 33.53
C ASP B 49 -14.11 9.04 33.99
N HIS B 50 -14.66 9.72 34.99
CA HIS B 50 -15.93 9.31 35.58
C HIS B 50 -17.14 9.62 34.71
N ARG B 51 -16.91 10.28 33.57
CA ARG B 51 -17.98 10.52 32.60
C ARG B 51 -17.72 9.83 31.26
N ARG B 52 -16.80 8.86 31.28
CA ARG B 52 -16.61 7.91 30.19
C ARG B 52 -16.71 6.49 30.75
N GLY B 53 -17.57 6.33 31.76
CA GLY B 53 -17.79 5.03 32.41
C GLY B 53 -16.58 4.49 33.16
N GLY B 54 -15.76 5.38 33.70
CA GLY B 54 -14.56 4.98 34.46
C GLY B 54 -13.37 4.59 33.60
N ALA B 55 -13.27 5.19 32.42
CA ALA B 55 -12.18 4.89 31.50
C ALA B 55 -10.87 5.48 31.98
N ARG B 56 -9.81 4.67 31.95
CA ARG B 56 -8.47 5.11 32.35
C ARG B 56 -7.86 5.97 31.24
N VAL B 57 -7.47 7.18 31.58
CA VAL B 57 -6.87 8.13 30.63
C VAL B 57 -5.61 8.78 31.18
N ALA B 58 -4.81 9.35 30.28
CA ALA B 58 -3.64 10.12 30.64
C ALA B 58 -3.95 11.61 30.48
N LEU B 59 -3.62 12.39 31.51
CA LEU B 59 -3.88 13.82 31.48
C LEU B 59 -2.57 14.60 31.59
N LYS B 60 -2.30 15.44 30.60
CA LYS B 60 -1.12 16.29 30.58
C LYS B 60 -1.45 17.65 31.18
N ILE B 61 -0.88 17.93 32.35
CA ILE B 61 -1.15 19.18 33.08
C ILE B 61 0.01 20.16 32.94
N ILE B 62 -0.24 21.19 32.11
CA ILE B 62 0.77 22.19 31.78
CA ILE B 62 0.77 22.19 31.78
C ILE B 62 0.95 23.22 32.91
N LYS B 63 2.18 23.67 33.11
CA LYS B 63 2.51 24.72 34.07
C LYS B 63 1.80 26.03 33.73
N ASN B 64 1.36 26.76 34.76
CA ASN B 64 0.79 28.09 34.59
C ASN B 64 1.87 29.15 34.35
N VAL B 65 2.78 28.84 33.41
CA VAL B 65 3.85 29.74 33.01
C VAL B 65 3.65 30.02 31.52
N GLU B 66 3.90 31.27 31.13
CA GLU B 66 3.57 31.74 29.79
C GLU B 66 4.16 30.89 28.65
N LYS B 67 5.47 30.66 28.68
CA LYS B 67 6.13 29.91 27.60
C LYS B 67 5.59 28.48 27.46
N TYR B 68 5.28 27.83 28.58
CA TYR B 68 4.71 26.49 28.52
C TYR B 68 3.24 26.53 28.10
N LYS B 69 2.53 27.57 28.52
CA LYS B 69 1.15 27.76 28.08
C LYS B 69 1.05 27.90 26.56
N GLU B 70 2.02 28.62 25.97
CA GLU B 70 2.06 28.81 24.52
C GLU B 70 2.43 27.54 23.74
N ALA B 71 3.44 26.82 24.23
CA ALA B 71 3.82 25.52 23.68
C ALA B 71 2.67 24.50 23.74
N ALA B 72 1.85 24.61 24.78
CA ALA B 72 0.64 23.81 24.91
C ALA B 72 -0.38 24.11 23.80
N ARG B 73 -0.56 25.39 23.48
CA ARG B 73 -1.49 25.80 22.43
C ARG B 73 -1.02 25.33 21.05
N LEU B 74 0.28 25.50 20.78
CA LEU B 74 0.89 24.98 19.56
C LEU B 74 0.70 23.47 19.43
N GLU B 75 0.93 22.75 20.54
CA GLU B 75 0.70 21.30 20.58
C GLU B 75 -0.75 20.94 20.31
N ILE B 76 -1.67 21.67 20.96
CA ILE B 76 -3.11 21.41 20.79
C ILE B 76 -3.50 21.52 19.32
N ASN B 77 -2.92 22.53 18.65
CA ASN B 77 -3.14 22.75 17.22
CA ASN B 77 -3.14 22.74 17.22
C ASN B 77 -2.64 21.56 16.39
N VAL B 78 -1.43 21.07 16.72
CA VAL B 78 -0.84 19.92 16.03
C VAL B 78 -1.67 18.67 16.26
N LEU B 79 -2.14 18.48 17.50
CA LEU B 79 -2.96 17.32 17.83
C LEU B 79 -4.32 17.32 17.13
N GLU B 80 -4.92 18.50 16.96
CA GLU B 80 -6.18 18.64 16.22
C GLU B 80 -6.00 18.39 14.73
N LYS B 81 -4.86 18.77 14.19
CA LYS B 81 -4.50 18.42 12.81
C LYS B 81 -4.33 16.90 12.65
N ILE B 82 -3.62 16.28 13.59
CA ILE B 82 -3.47 14.82 13.63
C ILE B 82 -4.83 14.11 13.63
N ASN B 83 -5.74 14.57 14.49
CA ASN B 83 -7.10 14.01 14.58
C ASN B 83 -7.93 14.25 13.32
N GLU B 84 -7.66 15.37 12.65
CA GLU B 84 -8.34 15.73 11.40
C GLU B 84 -7.93 14.83 10.24
N LYS B 85 -6.63 14.72 10.00
CA LYS B 85 -6.10 13.94 8.88
C LYS B 85 -6.11 12.43 9.13
N ASP B 86 -6.16 12.05 10.40
CA ASP B 86 -6.21 10.65 10.81
C ASP B 86 -7.35 10.47 11.82
N PRO B 87 -8.61 10.58 11.34
CA PRO B 87 -9.78 10.58 12.25
C PRO B 87 -9.99 9.27 13.00
N ASP B 88 -9.45 8.18 12.47
CA ASP B 88 -9.61 6.86 13.07
C ASP B 88 -8.36 6.41 13.84
N ASN B 89 -7.37 7.30 13.90
CA ASN B 89 -6.12 7.09 14.64
C ASN B 89 -5.36 5.81 14.26
N LYS B 90 -4.92 5.75 13.00
CA LYS B 90 -4.16 4.61 12.49
C LYS B 90 -2.70 4.96 12.20
N ASN B 91 -2.38 6.25 12.25
CA ASN B 91 -1.05 6.73 11.87
C ASN B 91 -0.04 6.85 13.01
N LEU B 92 -0.32 6.16 14.12
CA LEU B 92 0.66 5.87 15.17
C LEU B 92 1.20 7.10 15.94
N CYS B 93 0.50 8.23 15.82
CA CYS B 93 0.69 9.35 16.72
C CYS B 93 -0.41 9.28 17.76
N VAL B 94 -0.09 9.65 19.01
CA VAL B 94 -1.02 9.57 20.12
C VAL B 94 -2.28 10.40 19.90
N GLN B 95 -3.42 9.88 20.35
CA GLN B 95 -4.69 10.57 20.17
C GLN B 95 -5.10 11.38 21.39
N MET B 96 -5.33 12.66 21.16
CA MET B 96 -5.96 13.55 22.14
C MET B 96 -7.47 13.33 22.11
N PHE B 97 -8.08 13.20 23.29
CA PHE B 97 -9.53 13.10 23.41
C PHE B 97 -10.17 14.48 23.55
N ASP B 98 -9.60 15.30 24.44
CA ASP B 98 -10.18 16.60 24.77
C ASP B 98 -9.09 17.51 25.37
N TRP B 99 -9.40 18.79 25.52
CA TRP B 99 -8.52 19.71 26.24
C TRP B 99 -9.33 20.80 26.92
N PHE B 100 -8.80 21.32 28.04
CA PHE B 100 -9.45 22.39 28.78
C PHE B 100 -8.47 23.22 29.60
N ASP B 101 -8.90 24.41 29.98
CA ASP B 101 -8.17 25.26 30.90
C ASP B 101 -8.74 25.03 32.29
N TYR B 102 -7.87 24.90 33.28
CA TYR B 102 -8.26 24.66 34.66
C TYR B 102 -7.47 25.60 35.54
N HIS B 103 -8.08 26.74 35.88
CA HIS B 103 -7.46 27.80 36.68
C HIS B 103 -6.09 28.25 36.16
N GLY B 104 -5.95 28.29 34.84
CA GLY B 104 -4.69 28.74 34.22
C GLY B 104 -3.76 27.62 33.78
N HIS B 105 -4.10 26.39 34.15
CA HIS B 105 -3.33 25.21 33.71
C HIS B 105 -4.06 24.54 32.55
N MET B 106 -3.40 24.46 31.40
CA MET B 106 -3.91 23.72 30.25
C MET B 106 -3.85 22.23 30.57
N CYS B 107 -4.97 21.54 30.33
CA CYS B 107 -5.01 20.11 30.48
C CYS B 107 -5.41 19.45 29.17
N ILE B 108 -4.68 18.40 28.80
CA ILE B 108 -4.95 17.66 27.57
C ILE B 108 -5.11 16.18 27.91
N SER B 109 -6.24 15.61 27.49
CA SER B 109 -6.52 14.19 27.72
CA SER B 109 -6.52 14.19 27.73
C SER B 109 -6.09 13.34 26.54
N PHE B 110 -5.44 12.21 26.83
CA PHE B 110 -4.96 11.29 25.81
C PHE B 110 -5.34 9.85 26.15
N GLU B 111 -5.18 8.98 25.16
CA GLU B 111 -5.25 7.54 25.40
CA GLU B 111 -5.25 7.54 25.40
C GLU B 111 -4.11 7.15 26.34
N LEU B 112 -4.41 6.31 27.32
CA LEU B 112 -3.39 5.87 28.26
C LEU B 112 -2.51 4.77 27.65
N LEU B 113 -1.21 5.02 27.63
CA LEU B 113 -0.22 4.11 27.07
C LEU B 113 0.74 3.62 28.14
N GLY B 114 1.68 2.75 27.76
CA GLY B 114 2.65 2.18 28.69
C GLY B 114 3.95 2.97 28.75
N LEU B 115 5.01 2.30 29.22
CA LEU B 115 6.33 2.91 29.34
C LEU B 115 6.88 3.26 27.98
N SER B 116 7.70 4.32 27.93
CA SER B 116 8.42 4.70 26.73
C SER B 116 9.45 3.64 26.39
N THR B 117 9.88 3.62 25.14
CA THR B 117 10.93 2.71 24.69
C THR B 117 12.25 2.99 25.43
N PHE B 118 12.45 4.21 25.91
CA PHE B 118 13.64 4.50 26.72
C PHE B 118 13.52 3.90 28.12
N ASP B 119 12.38 4.11 28.78
CA ASP B 119 12.18 3.64 30.15
C ASP B 119 12.17 2.11 30.24
N PHE B 120 11.57 1.46 29.25
CA PHE B 120 11.62 0.01 29.15
C PHE B 120 13.07 -0.49 29.03
N LEU B 121 13.87 0.18 28.21
CA LEU B 121 15.27 -0.17 27.99
C LEU B 121 16.08 0.02 29.28
N LYS B 122 15.88 1.15 29.94
CA LYS B 122 16.51 1.45 31.22
C LYS B 122 16.21 0.37 32.25
N ASP B 123 14.91 0.08 32.42
CA ASP B 123 14.44 -0.95 33.33
C ASP B 123 14.95 -2.34 32.96
N ASN B 124 15.36 -2.51 31.71
CA ASN B 124 15.98 -3.74 31.24
C ASN B 124 17.50 -3.68 31.33
N ASN B 125 18.01 -2.75 32.13
CA ASN B 125 19.45 -2.58 32.37
C ASN B 125 20.22 -2.21 31.11
N TYR B 126 19.51 -1.54 30.19
CA TYR B 126 20.06 -1.08 28.90
C TYR B 126 20.42 -2.23 27.95
N LEU B 127 19.81 -3.39 28.18
CA LEU B 127 19.97 -4.54 27.28
C LEU B 127 19.14 -4.30 26.03
N PRO B 128 19.80 -4.21 24.86
CA PRO B 128 19.19 -3.77 23.61
C PRO B 128 18.04 -4.66 23.17
N TYR B 129 17.12 -4.07 22.39
CA TYR B 129 16.05 -4.81 21.75
C TYR B 129 16.61 -5.77 20.69
N PRO B 130 16.00 -6.96 20.56
CA PRO B 130 16.38 -7.92 19.52
C PRO B 130 16.01 -7.38 18.13
N ILE B 131 16.78 -7.76 17.12
CA ILE B 131 16.63 -7.17 15.78
C ILE B 131 15.20 -7.22 15.22
N HIS B 132 14.47 -8.31 15.50
CA HIS B 132 13.09 -8.43 14.99
C HIS B 132 12.14 -7.43 15.66
N GLN B 133 12.48 -7.05 16.89
CA GLN B 133 11.76 -5.98 17.58
C GLN B 133 12.22 -4.60 17.09
N VAL B 134 13.52 -4.45 16.86
CA VAL B 134 14.06 -3.20 16.31
C VAL B 134 13.36 -2.88 14.98
N ARG B 135 13.20 -3.90 14.14
CA ARG B 135 12.55 -3.74 12.84
C ARG B 135 11.15 -3.15 13.00
N HIS B 136 10.33 -3.78 13.84
CA HIS B 136 8.94 -3.35 14.00
C HIS B 136 8.81 -1.98 14.63
N MET B 137 9.65 -1.71 15.62
CA MET B 137 9.68 -0.41 16.30
C MET B 137 10.15 0.68 15.34
N ALA B 138 11.23 0.42 14.61
CA ALA B 138 11.77 1.37 13.64
C ALA B 138 10.75 1.67 12.53
N PHE B 139 10.06 0.62 12.07
CA PHE B 139 9.06 0.76 11.02
C PHE B 139 7.95 1.71 11.44
N GLN B 140 7.33 1.44 12.59
CA GLN B 140 6.23 2.25 13.11
C GLN B 140 6.63 3.70 13.29
N LEU B 141 7.85 3.89 13.79
CA LEU B 141 8.40 5.21 14.04
C LEU B 141 8.49 5.99 12.73
N CYS B 142 9.01 5.34 11.70
CA CYS B 142 9.07 5.92 10.37
C CYS B 142 7.66 6.25 9.84
N GLN B 143 6.73 5.31 9.98
CA GLN B 143 5.33 5.52 9.58
C GLN B 143 4.72 6.75 10.24
N ALA B 144 4.88 6.85 11.56
CA ALA B 144 4.28 7.92 12.35
C ALA B 144 4.84 9.29 12.00
N VAL B 145 6.15 9.38 11.80
CA VAL B 145 6.80 10.64 11.52
C VAL B 145 6.63 11.01 10.03
N LYS B 146 6.51 10.02 9.16
CA LYS B 146 6.25 10.30 7.73
C LYS B 146 4.87 10.95 7.58
N PHE B 147 3.91 10.45 8.35
CA PHE B 147 2.57 11.01 8.43
C PHE B 147 2.60 12.48 8.81
N LEU B 148 3.49 12.84 9.74
CA LEU B 148 3.68 14.23 10.14
C LEU B 148 4.37 15.03 9.03
N HIS B 149 5.33 14.40 8.38
CA HIS B 149 6.10 15.02 7.30
C HIS B 149 5.21 15.31 6.08
N ASP B 150 4.28 14.40 5.80
CA ASP B 150 3.33 14.56 4.70
C ASP B 150 2.28 15.62 4.95
N ASN B 151 2.19 16.06 6.21
CA ASN B 151 1.29 17.14 6.58
C ASN B 151 2.07 18.40 6.99
N LYS B 152 3.25 18.56 6.38
CA LYS B 152 4.07 19.76 6.52
C LYS B 152 4.59 20.04 7.95
N LEU B 153 4.75 19.00 8.74
CA LEU B 153 5.21 19.13 10.13
C LEU B 153 6.55 18.47 10.36
N THR B 154 7.38 19.13 11.18
CA THR B 154 8.56 18.50 11.76
C THR B 154 8.30 18.35 13.25
N HIS B 155 8.68 17.21 13.82
CA HIS B 155 8.55 16.98 15.26
C HIS B 155 9.62 17.75 16.04
N THR B 156 10.86 17.65 15.56
CA THR B 156 12.04 18.33 16.12
C THR B 156 12.59 17.78 17.45
N ASP B 157 11.82 16.96 18.15
CA ASP B 157 12.24 16.44 19.46
C ASP B 157 11.94 14.94 19.60
N LEU B 158 12.28 14.19 18.56
CA LEU B 158 12.15 12.74 18.57
C LEU B 158 13.26 12.14 19.42
N LYS B 159 12.85 11.20 20.26
CA LYS B 159 13.75 10.49 21.18
C LYS B 159 13.02 9.32 21.83
N PRO B 160 13.77 8.36 22.40
CA PRO B 160 13.15 7.16 22.94
C PRO B 160 12.09 7.46 24.02
N GLU B 161 12.24 8.55 24.75
CA GLU B 161 11.27 8.94 25.79
C GLU B 161 9.94 9.39 25.18
N ASN B 162 9.97 9.83 23.92
CA ASN B 162 8.79 10.31 23.22
C ASN B 162 8.14 9.28 22.29
N ILE B 163 8.63 8.04 22.38
CA ILE B 163 8.02 6.92 21.69
C ILE B 163 7.53 5.95 22.77
N LEU B 164 6.23 5.71 22.81
CA LEU B 164 5.62 4.95 23.90
C LEU B 164 5.02 3.64 23.46
N PHE B 165 5.38 2.54 24.12
CA PHE B 165 4.67 1.29 23.92
C PHE B 165 3.20 1.49 24.30
N VAL B 166 2.30 0.99 23.44
CA VAL B 166 0.87 0.98 23.73
C VAL B 166 0.61 0.15 24.99
N ASN B 167 1.36 -0.95 25.11
CA ASN B 167 1.31 -1.83 26.27
C ASN B 167 2.69 -2.40 26.54
N SER B 168 3.25 -2.08 27.70
CA SER B 168 4.63 -2.45 28.01
C SER B 168 4.80 -3.69 28.91
N ASP B 169 3.74 -4.50 29.01
CA ASP B 169 3.81 -5.81 29.67
C ASP B 169 4.88 -6.65 28.99
N TYR B 170 5.61 -7.43 29.78
CA TYR B 170 6.76 -8.15 29.27
C TYR B 170 6.81 -9.61 29.73
N GLU B 171 7.46 -10.43 28.91
CA GLU B 171 7.87 -11.78 29.28
C GLU B 171 9.33 -11.68 29.70
N LEU B 172 9.79 -12.69 30.43
CA LEU B 172 11.19 -12.76 30.78
C LEU B 172 11.87 -13.89 30.02
N THR B 173 12.97 -13.56 29.35
CA THR B 173 13.70 -14.52 28.52
C THR B 173 15.18 -14.52 28.89
N TYR B 174 15.94 -15.39 28.24
CA TYR B 174 17.35 -15.56 28.55
C TYR B 174 18.18 -15.49 27.27
N ASN B 175 19.18 -14.61 27.27
CA ASN B 175 20.07 -14.43 26.13
C ASN B 175 21.21 -15.45 26.14
N LEU B 176 21.34 -16.17 25.03
CA LEU B 176 22.31 -17.27 24.91
C LEU B 176 23.75 -16.78 24.87
N GLU B 177 24.01 -15.76 24.05
CA GLU B 177 25.36 -15.23 23.88
C GLU B 177 25.79 -14.31 25.02
N LYS B 178 24.82 -13.65 25.66
CA LYS B 178 25.11 -12.73 26.77
C LYS B 178 24.97 -13.37 28.15
N LYS B 179 24.51 -14.62 28.19
CA LYS B 179 24.36 -15.39 29.42
C LYS B 179 23.77 -14.58 30.59
N ARG B 180 22.59 -14.02 30.35
CA ARG B 180 21.92 -13.11 31.27
C ARG B 180 20.41 -13.07 30.95
N ASP B 181 19.58 -12.90 31.98
CA ASP B 181 18.15 -12.73 31.79
C ASP B 181 17.82 -11.38 31.16
N GLU B 182 16.69 -11.33 30.46
CA GLU B 182 16.24 -10.13 29.76
C GLU B 182 14.73 -10.01 29.85
N ARG B 183 14.24 -8.77 29.74
CA ARG B 183 12.81 -8.53 29.62
C ARG B 183 12.46 -8.39 28.15
N SER B 184 11.40 -9.07 27.73
CA SER B 184 10.93 -8.97 26.35
CA SER B 184 10.92 -8.97 26.35
C SER B 184 9.47 -8.53 26.34
N VAL B 185 9.23 -7.35 25.77
CA VAL B 185 7.88 -6.80 25.69
C VAL B 185 7.01 -7.71 24.82
N LYS B 186 5.76 -7.89 25.23
CA LYS B 186 4.84 -8.79 24.53
C LYS B 186 4.31 -8.18 23.22
N SER B 187 4.13 -6.86 23.19
CA SER B 187 3.73 -6.18 21.96
C SER B 187 4.57 -4.94 21.69
N THR B 188 5.08 -4.83 20.48
CA THR B 188 5.92 -3.69 20.07
C THR B 188 5.14 -2.56 19.38
N ALA B 189 3.81 -2.58 19.50
CA ALA B 189 2.99 -1.45 19.03
C ALA B 189 3.37 -0.19 19.81
N VAL B 190 3.64 0.90 19.08
CA VAL B 190 4.05 2.16 19.69
C VAL B 190 3.25 3.39 19.21
N ARG B 191 3.36 4.48 19.96
CA ARG B 191 2.82 5.78 19.58
C ARG B 191 3.87 6.86 19.81
N VAL B 192 3.86 7.87 18.95
CA VAL B 192 4.73 9.03 19.14
C VAL B 192 3.93 10.08 19.93
N VAL B 193 4.60 10.69 20.91
CA VAL B 193 3.98 11.69 21.78
C VAL B 193 4.77 13.01 21.81
N ASP B 194 4.23 14.00 22.52
CA ASP B 194 4.88 15.30 22.75
C ASP B 194 5.05 16.10 21.46
N PHE B 195 4.04 16.89 21.14
CA PHE B 195 4.09 17.71 19.93
C PHE B 195 4.21 19.20 20.25
N GLY B 196 4.76 19.51 21.42
CA GLY B 196 4.95 20.88 21.89
C GLY B 196 6.06 21.67 21.20
N SER B 197 6.91 20.95 20.45
CA SER B 197 7.96 21.59 19.64
C SER B 197 7.70 21.40 18.14
N ALA B 198 6.65 20.67 17.81
CA ALA B 198 6.28 20.40 16.42
C ALA B 198 6.03 21.69 15.66
N THR B 199 6.65 21.81 14.49
CA THR B 199 6.65 23.03 13.70
C THR B 199 6.10 22.78 12.29
N PHE B 200 5.07 23.55 11.91
CA PHE B 200 4.59 23.57 10.52
C PHE B 200 5.62 24.30 9.64
N ASP B 201 5.68 23.93 8.35
CA ASP B 201 6.65 24.49 7.40
C ASP B 201 6.67 26.02 7.35
N HIS B 202 5.48 26.62 7.35
CA HIS B 202 5.33 28.07 7.26
C HIS B 202 5.67 28.79 8.55
N GLU B 203 5.57 28.08 9.67
CA GLU B 203 5.71 28.65 11.01
C GLU B 203 7.16 29.01 11.34
N HIS B 204 7.35 29.83 12.37
CA HIS B 204 8.67 30.22 12.83
C HIS B 204 9.50 29.03 13.32
N HIS B 205 10.74 28.97 12.87
CA HIS B 205 11.67 27.92 13.21
C HIS B 205 12.68 28.42 14.26
N SER B 206 12.67 27.82 15.45
CA SER B 206 13.67 28.12 16.47
C SER B 206 15.06 27.75 15.95
N THR B 207 16.07 28.47 16.41
CA THR B 207 17.45 28.21 16.05
C THR B 207 17.90 26.80 16.46
N ILE B 208 17.75 26.49 17.75
CA ILE B 208 18.25 25.23 18.33
C ILE B 208 17.10 24.33 18.72
N VAL B 209 16.94 23.23 18.00
CA VAL B 209 15.92 22.22 18.32
C VAL B 209 16.54 20.87 18.64
N SER B 210 15.70 19.92 19.07
CA SER B 210 16.09 18.55 19.41
C SER B 210 16.88 18.45 20.71
N THR B 211 16.71 17.35 21.42
CA THR B 211 17.52 17.04 22.58
C THR B 211 18.93 16.69 22.07
N ARG B 212 19.94 17.17 22.79
CA ARG B 212 21.34 17.03 22.39
C ARG B 212 21.70 15.73 21.64
N HIS B 213 21.34 14.58 22.21
CA HIS B 213 21.75 13.29 21.67
C HIS B 213 21.23 13.01 20.26
N TYR B 214 20.10 13.63 19.93
CA TYR B 214 19.39 13.35 18.68
C TYR B 214 19.36 14.55 17.75
N ARG B 215 20.29 15.49 17.99
CA ARG B 215 20.37 16.74 17.23
C ARG B 215 21.23 16.59 15.97
N ALA B 216 20.62 16.95 14.83
CA ALA B 216 21.27 16.88 13.53
C ALA B 216 22.37 17.95 13.37
N PRO B 217 23.39 17.68 12.53
CA PRO B 217 24.52 18.61 12.37
C PRO B 217 24.13 19.98 11.81
N GLU B 218 23.12 20.05 10.94
CA GLU B 218 22.67 21.33 10.39
C GLU B 218 22.06 22.23 11.46
N VAL B 219 21.60 21.63 12.55
CA VAL B 219 21.07 22.38 13.70
C VAL B 219 22.24 22.99 14.44
N ILE B 220 23.22 22.14 14.77
CA ILE B 220 24.43 22.55 15.48
C ILE B 220 25.11 23.70 14.75
N LEU B 221 25.20 23.58 13.43
CA LEU B 221 25.91 24.55 12.60
C LEU B 221 24.99 25.68 12.11
N GLU B 222 23.72 25.60 12.50
CA GLU B 222 22.72 26.66 12.25
C GLU B 222 22.54 26.96 10.77
N LEU B 223 22.50 25.90 9.97
CA LEU B 223 22.35 26.01 8.53
C LEU B 223 20.88 25.92 8.13
N GLY B 224 20.00 26.12 9.11
CA GLY B 224 18.56 25.94 8.89
C GLY B 224 18.19 24.47 8.87
N TRP B 225 16.95 24.17 9.21
CA TRP B 225 16.50 22.78 9.30
C TRP B 225 15.05 22.65 8.86
N SER B 226 14.69 21.45 8.44
CA SER B 226 13.29 21.07 8.22
C SER B 226 13.14 19.57 8.50
N GLN B 227 12.25 18.90 7.77
CA GLN B 227 11.97 17.47 7.97
C GLN B 227 13.21 16.57 8.15
N PRO B 228 14.27 16.77 7.34
CA PRO B 228 15.49 15.96 7.48
C PRO B 228 16.07 15.84 8.90
N CYS B 229 15.88 16.84 9.76
CA CYS B 229 16.44 16.78 11.11
C CYS B 229 15.77 15.70 11.97
N ASP B 230 14.49 15.40 11.69
CA ASP B 230 13.78 14.29 12.30
C ASP B 230 14.43 12.95 11.94
N VAL B 231 14.80 12.81 10.67
CA VAL B 231 15.39 11.57 10.15
C VAL B 231 16.74 11.28 10.81
N TRP B 232 17.49 12.33 11.10
CA TRP B 232 18.72 12.18 11.86
C TRP B 232 18.41 11.62 13.26
N SER B 233 17.44 12.22 13.94
CA SER B 233 17.03 11.75 15.25
C SER B 233 16.62 10.27 15.18
N ILE B 234 15.77 9.94 14.20
CA ILE B 234 15.30 8.57 14.00
C ILE B 234 16.47 7.58 13.89
N GLY B 235 17.51 7.97 13.17
CA GLY B 235 18.72 7.15 13.01
C GLY B 235 19.44 6.90 14.32
N CYS B 236 19.66 7.96 15.08
CA CYS B 236 20.23 7.88 16.43
C CYS B 236 19.38 6.96 17.33
N ILE B 237 18.06 7.06 17.20
CA ILE B 237 17.12 6.27 18.00
C ILE B 237 17.22 4.79 17.65
N ILE B 238 17.21 4.47 16.35
CA ILE B 238 17.30 3.09 15.89
C ILE B 238 18.61 2.43 16.32
N PHE B 239 19.71 3.20 16.26
CA PHE B 239 21.00 2.74 16.77
C PHE B 239 20.91 2.36 18.25
N GLU B 240 20.27 3.23 19.04
CA GLU B 240 20.13 3.02 20.48
C GLU B 240 19.28 1.80 20.79
N TYR B 241 18.24 1.57 20.00
CA TYR B 241 17.42 0.37 20.16
C TYR B 241 18.25 -0.91 20.01
N TYR B 242 19.25 -0.85 19.13
CA TYR B 242 20.05 -2.02 18.74
C TYR B 242 21.25 -2.31 19.64
N VAL B 243 21.84 -1.27 20.23
CA VAL B 243 22.98 -1.44 21.12
C VAL B 243 22.68 -1.14 22.61
N GLY B 244 21.66 -0.32 22.86
CA GLY B 244 21.22 -0.03 24.22
C GLY B 244 21.70 1.27 24.83
N PHE B 245 22.69 1.90 24.20
CA PHE B 245 23.19 3.19 24.67
C PHE B 245 23.17 4.24 23.56
N THR B 246 23.23 5.51 23.95
CA THR B 246 23.20 6.63 23.00
C THR B 246 24.37 6.59 22.03
N LEU B 247 24.11 6.94 20.78
CA LEU B 247 25.16 7.06 19.76
C LEU B 247 26.14 8.18 20.10
N PHE B 248 25.60 9.36 20.42
CA PHE B 248 26.41 10.54 20.75
C PHE B 248 26.22 10.89 22.22
N GLN B 249 27.12 10.37 23.05
CA GLN B 249 27.07 10.62 24.48
C GLN B 249 27.97 11.80 24.78
N THR B 250 27.39 12.99 24.75
CA THR B 250 28.13 14.24 24.81
C THR B 250 27.20 15.40 25.16
N HIS B 251 27.77 16.52 25.63
CA HIS B 251 26.97 17.70 25.95
C HIS B 251 27.56 18.97 25.35
N ASP B 252 28.51 18.79 24.44
CA ASP B 252 29.32 19.89 23.93
C ASP B 252 29.42 19.82 22.40
N ASN B 253 29.14 20.94 21.74
CA ASN B 253 29.17 21.05 20.29
C ASN B 253 30.45 20.50 19.64
N ARG B 254 31.61 20.96 20.10
CA ARG B 254 32.89 20.53 19.55
C ARG B 254 33.10 19.02 19.67
N GLU B 255 32.87 18.48 20.87
CA GLU B 255 32.99 17.04 21.14
C GLU B 255 31.98 16.22 20.33
N HIS B 256 30.75 16.74 20.24
CA HIS B 256 29.68 16.12 19.46
C HIS B 256 30.08 15.98 17.98
N LEU B 257 30.69 17.05 17.45
CA LEU B 257 31.10 17.07 16.05
C LEU B 257 32.27 16.14 15.83
N ALA B 258 33.13 16.02 16.84
CA ALA B 258 34.28 15.11 16.79
C ALA B 258 33.81 13.66 16.84
N MET B 259 32.75 13.41 17.60
CA MET B 259 32.15 12.09 17.66
C MET B 259 31.50 11.72 16.33
N MET B 260 30.90 12.72 15.68
CA MET B 260 30.37 12.53 14.33
C MET B 260 31.46 12.09 13.36
N GLU B 261 32.62 12.75 13.42
CA GLU B 261 33.72 12.45 12.50
C GLU B 261 34.30 11.07 12.78
N ARG B 262 34.41 10.74 14.07
CA ARG B 262 34.90 9.44 14.49
C ARG B 262 33.98 8.31 14.00
N ILE B 263 32.68 8.53 14.10
CA ILE B 263 31.69 7.49 13.83
C ILE B 263 31.27 7.44 12.36
N LEU B 264 31.18 8.61 11.74
CA LEU B 264 30.59 8.75 10.41
C LEU B 264 31.55 9.28 9.34
N GLY B 265 32.78 9.59 9.75
CA GLY B 265 33.75 10.19 8.83
C GLY B 265 33.66 11.71 8.86
N PRO B 266 34.64 12.38 8.23
CA PRO B 266 34.76 13.84 8.27
C PRO B 266 33.53 14.60 7.77
N ILE B 267 33.22 15.71 8.43
CA ILE B 267 32.14 16.62 8.06
C ILE B 267 32.41 17.19 6.67
N PRO B 268 31.40 17.25 5.78
CA PRO B 268 31.62 17.83 4.45
C PRO B 268 32.07 19.29 4.55
N SER B 269 33.02 19.66 3.70
CA SER B 269 33.57 21.01 3.70
CA SER B 269 33.59 21.02 3.67
C SER B 269 32.53 22.06 3.30
N ARG B 270 31.59 21.66 2.43
CA ARG B 270 30.54 22.57 1.97
C ARG B 270 29.70 23.09 3.14
N MET B 271 29.52 22.26 4.15
CA MET B 271 28.79 22.63 5.37
C MET B 271 29.63 23.47 6.33
N ILE B 272 30.93 23.18 6.37
CA ILE B 272 31.87 23.93 7.21
C ILE B 272 32.04 25.38 6.71
N ARG B 273 32.17 25.55 5.40
CA ARG B 273 32.34 26.86 4.76
C ARG B 273 31.10 27.75 4.86
N LYS B 274 29.92 27.13 4.90
CA LYS B 274 28.64 27.85 4.97
C LYS B 274 28.25 28.31 6.38
N THR B 275 28.79 27.67 7.41
CA THR B 275 28.38 27.92 8.80
C THR B 275 28.88 29.24 9.38
N ARG B 276 28.04 29.88 10.20
CA ARG B 276 28.43 31.05 10.99
C ARG B 276 29.37 30.64 12.12
N LYS B 277 29.24 29.40 12.56
CA LYS B 277 29.98 28.88 13.72
C LYS B 277 31.42 28.49 13.38
N GLN B 278 32.18 29.45 12.88
CA GLN B 278 33.56 29.21 12.45
C GLN B 278 34.52 28.90 13.59
N LYS B 279 34.09 29.15 14.83
CA LYS B 279 34.94 28.93 16.00
C LYS B 279 35.37 27.46 16.18
N TYR B 280 34.50 26.54 15.76
CA TYR B 280 34.77 25.12 15.84
C TYR B 280 35.75 24.63 14.76
N PHE B 281 36.07 25.49 13.80
CA PHE B 281 36.85 25.10 12.63
C PHE B 281 38.13 25.90 12.39
N TYR B 282 39.15 25.19 11.88
CA TYR B 282 40.46 25.77 11.60
C TYR B 282 41.03 25.19 10.31
N ARG B 283 41.31 26.08 9.35
CA ARG B 283 41.80 25.72 8.01
C ARG B 283 40.86 24.80 7.25
N GLY B 284 39.56 25.08 7.37
CA GLY B 284 38.52 24.32 6.68
C GLY B 284 38.26 22.92 7.23
N ARG B 285 38.76 22.66 8.44
CA ARG B 285 38.56 21.36 9.10
C ARG B 285 38.18 21.56 10.55
N LEU B 286 37.67 20.50 11.19
CA LEU B 286 37.30 20.57 12.59
C LEU B 286 38.54 20.77 13.46
N ASP B 287 38.47 21.76 14.34
CA ASP B 287 39.56 22.06 15.27
C ASP B 287 39.39 21.18 16.49
N TRP B 288 40.04 20.01 16.44
CA TRP B 288 39.93 19.00 17.47
C TRP B 288 41.23 18.21 17.53
N ASP B 289 41.93 18.32 18.67
CA ASP B 289 43.18 17.61 18.89
C ASP B 289 42.90 16.22 19.47
N GLU B 290 43.17 15.19 18.67
CA GLU B 290 42.85 13.80 19.02
C GLU B 290 43.75 13.22 20.11
N ASN B 291 44.85 13.92 20.42
CA ASN B 291 45.84 13.39 21.36
C ASN B 291 45.86 14.06 22.73
N THR B 292 44.76 14.72 23.08
CA THR B 292 44.53 15.18 24.45
C THR B 292 43.74 14.11 25.18
N SER B 293 43.45 14.34 26.46
CA SER B 293 42.62 13.42 27.23
C SER B 293 41.20 13.37 26.64
N ALA B 294 40.71 14.54 26.22
CA ALA B 294 39.40 14.68 25.61
C ALA B 294 39.34 14.01 24.24
N GLY B 295 40.44 14.13 23.48
CA GLY B 295 40.56 13.50 22.17
C GLY B 295 40.70 12.00 22.30
N ARG B 296 41.40 11.57 23.35
CA ARG B 296 41.59 10.16 23.64
C ARG B 296 40.27 9.51 24.06
N TYR B 297 39.50 10.24 24.87
CA TYR B 297 38.19 9.80 25.32
C TYR B 297 37.26 9.46 24.15
N VAL B 298 37.19 10.35 23.16
CA VAL B 298 36.38 10.14 21.97
C VAL B 298 36.82 8.88 21.22
N ARG B 299 38.13 8.68 21.09
CA ARG B 299 38.67 7.50 20.40
C ARG B 299 38.40 6.20 21.16
N GLU B 300 38.48 6.27 22.49
CA GLU B 300 38.26 5.10 23.34
C GLU B 300 36.79 4.76 23.54
N ASN B 301 35.91 5.75 23.43
CA ASN B 301 34.50 5.57 23.74
C ASN B 301 33.54 5.52 22.55
N CYS B 302 34.07 5.70 21.34
CA CYS B 302 33.28 5.45 20.13
C CYS B 302 34.14 5.06 18.92
N LYS B 303 33.49 4.54 17.89
CA LYS B 303 34.17 3.95 16.74
C LYS B 303 33.27 4.08 15.50
N PRO B 304 33.78 3.75 14.31
CA PRO B 304 32.94 3.81 13.10
C PRO B 304 31.64 3.00 13.24
N LEU B 305 30.55 3.55 12.72
CA LEU B 305 29.20 3.04 12.92
C LEU B 305 29.06 1.52 12.78
N ARG B 306 29.70 0.93 11.77
CA ARG B 306 29.51 -0.50 11.47
C ARG B 306 30.19 -1.47 12.42
N ARG B 307 31.18 -0.97 13.17
CA ARG B 307 31.86 -1.80 14.16
C ARG B 307 30.94 -2.20 15.32
N TYR B 308 29.73 -1.63 15.35
CA TYR B 308 28.74 -1.92 16.39
C TYR B 308 27.85 -3.11 16.02
N LEU B 309 28.05 -3.66 14.82
CA LEU B 309 27.34 -4.87 14.39
C LEU B 309 27.57 -6.02 15.36
N THR B 310 26.47 -6.69 15.73
CA THR B 310 26.54 -7.86 16.62
C THR B 310 26.58 -9.16 15.82
N SER B 311 26.41 -9.04 14.51
CA SER B 311 26.37 -10.18 13.60
C SER B 311 26.71 -9.76 12.16
N GLU B 312 27.31 -10.68 11.42
CA GLU B 312 27.71 -10.45 10.03
C GLU B 312 26.60 -10.80 9.03
N ALA B 313 25.46 -11.25 9.53
CA ALA B 313 24.31 -11.61 8.69
C ALA B 313 23.77 -10.38 7.96
N GLU B 314 23.25 -10.62 6.75
CA GLU B 314 22.79 -9.55 5.87
C GLU B 314 21.69 -8.67 6.49
N GLU B 315 20.77 -9.26 7.26
CA GLU B 315 19.70 -8.47 7.91
C GLU B 315 20.24 -7.44 8.91
N HIS B 316 21.37 -7.74 9.52
CA HIS B 316 22.05 -6.78 10.37
C HIS B 316 22.71 -5.68 9.53
N HIS B 317 23.39 -6.10 8.46
CA HIS B 317 23.98 -5.16 7.50
C HIS B 317 22.94 -4.22 6.89
N GLN B 318 21.74 -4.74 6.65
CA GLN B 318 20.64 -3.98 6.08
C GLN B 318 20.15 -2.91 7.05
N LEU B 319 20.16 -3.22 8.34
CA LEU B 319 19.80 -2.26 9.37
C LEU B 319 20.80 -1.11 9.39
N PHE B 320 22.08 -1.45 9.31
CA PHE B 320 23.12 -0.42 9.29
C PHE B 320 23.21 0.38 7.99
N ASP B 321 22.74 -0.19 6.87
CA ASP B 321 22.54 0.57 5.64
C ASP B 321 21.51 1.67 5.87
N LEU B 322 20.41 1.31 6.54
CA LEU B 322 19.34 2.25 6.88
C LEU B 322 19.85 3.35 7.81
N ILE B 323 20.44 2.97 8.93
CA ILE B 323 20.96 3.94 9.90
C ILE B 323 21.90 4.93 9.20
N GLU B 324 22.89 4.38 8.49
CA GLU B 324 23.87 5.15 7.72
C GLU B 324 23.26 6.22 6.80
N SER B 325 22.23 5.83 6.05
CA SER B 325 21.53 6.76 5.15
C SER B 325 20.75 7.84 5.90
N MET B 326 20.34 7.53 7.12
CA MET B 326 19.62 8.47 7.99
C MET B 326 20.59 9.41 8.69
N LEU B 327 21.86 9.02 8.74
CA LEU B 327 22.88 9.84 9.37
C LEU B 327 23.79 10.52 8.35
N GLU B 328 23.24 10.75 7.15
CA GLU B 328 23.89 11.55 6.13
C GLU B 328 24.06 12.99 6.63
N TYR B 329 25.27 13.52 6.53
CA TYR B 329 25.55 14.88 6.97
C TYR B 329 24.67 15.93 6.29
N GLU B 330 24.63 15.92 4.96
CA GLU B 330 23.81 16.86 4.18
C GLU B 330 22.33 16.50 4.24
N PRO B 331 21.50 17.40 4.82
CA PRO B 331 20.05 17.14 4.94
C PRO B 331 19.34 16.87 3.60
N ALA B 332 19.79 17.52 2.53
CA ALA B 332 19.20 17.30 1.21
C ALA B 332 19.53 15.91 0.63
N LYS B 333 20.66 15.36 1.08
CA LYS B 333 21.10 14.05 0.61
C LYS B 333 20.68 12.93 1.55
N ARG B 334 20.01 13.30 2.65
CA ARG B 334 19.60 12.36 3.69
C ARG B 334 18.37 11.59 3.25
N LEU B 335 18.34 10.31 3.59
CA LEU B 335 17.19 9.45 3.33
C LEU B 335 15.90 10.11 3.85
N THR B 336 14.87 10.10 3.02
CA THR B 336 13.56 10.58 3.45
C THR B 336 12.80 9.41 4.08
N LEU B 337 11.69 9.73 4.74
CA LEU B 337 10.92 8.69 5.42
C LEU B 337 10.09 7.85 4.45
N GLY B 338 9.67 8.47 3.35
CA GLY B 338 9.09 7.75 2.22
C GLY B 338 10.04 6.70 1.68
N GLU B 339 11.30 7.09 1.49
CA GLU B 339 12.37 6.18 1.07
C GLU B 339 12.62 5.12 2.14
N ALA B 340 12.67 5.54 3.40
CA ALA B 340 12.90 4.63 4.52
C ALA B 340 11.88 3.49 4.57
N LEU B 341 10.61 3.79 4.30
CA LEU B 341 9.56 2.77 4.33
C LEU B 341 9.69 1.70 3.25
N GLN B 342 10.54 1.95 2.25
CA GLN B 342 10.74 1.04 1.13
C GLN B 342 12.07 0.30 1.24
N HIS B 343 12.80 0.57 2.31
CA HIS B 343 14.14 0.01 2.52
C HIS B 343 14.09 -1.52 2.62
N PRO B 344 15.11 -2.21 2.07
CA PRO B 344 15.21 -3.67 2.18
C PRO B 344 15.09 -4.20 3.61
N PHE B 345 15.62 -3.46 4.58
CA PHE B 345 15.55 -3.87 5.99
C PHE B 345 14.12 -4.11 6.47
N PHE B 346 13.17 -3.37 5.92
CA PHE B 346 11.76 -3.49 6.32
C PHE B 346 10.93 -4.52 5.53
N ALA B 347 11.52 -5.15 4.52
CA ALA B 347 10.79 -6.03 3.60
C ALA B 347 10.03 -7.17 4.27
N ARG B 348 10.62 -7.75 5.32
CA ARG B 348 10.05 -8.89 6.04
C ARG B 348 8.63 -8.63 6.62
N LEU B 349 8.19 -7.37 6.58
CA LEU B 349 6.97 -6.95 7.27
C LEU B 349 5.66 -7.25 6.55
N ARG B 350 4.60 -7.40 7.35
CA ARG B 350 3.27 -7.84 6.91
C ARG B 350 2.50 -6.78 6.10
N ALA B 351 1.20 -7.02 5.93
CA ALA B 351 0.32 -6.10 5.21
C ALA B 351 0.06 -4.82 6.01
N GLU B 352 0.32 -3.68 5.39
CA GLU B 352 0.16 -2.38 6.04
C GLU B 352 -0.77 -1.46 5.25
N SER C 4 -25.26 28.80 -9.21
CA SER C 4 -25.89 27.65 -8.52
C SER C 4 -26.87 26.91 -9.44
N ARG C 5 -26.58 25.62 -9.66
CA ARG C 5 -27.40 24.79 -10.55
C ARG C 5 -28.14 23.69 -9.79
N ARG C 6 -28.76 22.78 -10.52
CA ARG C 6 -29.51 21.70 -9.91
C ARG C 6 -28.70 20.39 -9.82
N ALA C 7 -28.63 19.83 -8.63
CA ALA C 7 -28.02 18.51 -8.44
C ALA C 7 -28.90 17.46 -9.11
N LYS C 8 -28.27 16.58 -9.87
CA LYS C 8 -29.04 15.61 -10.67
C LYS C 8 -28.96 14.18 -10.13
N SER C 9 -28.04 13.95 -9.21
CA SER C 9 -27.91 12.65 -8.53
C SER C 9 -27.14 12.76 -7.21
N VAL C 10 -27.00 11.64 -6.52
CA VAL C 10 -26.34 11.56 -5.21
C VAL C 10 -24.91 12.12 -5.24
N GLU C 11 -24.15 11.72 -6.25
CA GLU C 11 -22.78 12.20 -6.40
C GLU C 11 -22.71 13.18 -7.57
N ASP C 12 -23.11 14.43 -7.30
CA ASP C 12 -23.07 15.48 -8.33
C ASP C 12 -21.71 16.15 -8.38
N ASP C 13 -21.33 16.60 -9.58
CA ASP C 13 -20.05 17.26 -9.79
C ASP C 13 -20.02 18.70 -9.28
N ALA C 14 -21.17 19.21 -8.84
CA ALA C 14 -21.25 20.53 -8.22
C ALA C 14 -20.85 20.49 -6.75
N GLU C 15 -20.68 19.27 -6.22
CA GLU C 15 -20.32 19.04 -4.82
C GLU C 15 -18.86 19.38 -4.55
N GLY C 16 -18.60 19.96 -3.39
CA GLY C 16 -17.23 20.16 -2.88
C GLY C 16 -16.52 21.43 -3.31
N HIS C 17 -17.16 22.23 -4.16
CA HIS C 17 -16.58 23.48 -4.62
C HIS C 17 -16.42 24.46 -3.48
N LEU C 18 -15.60 25.48 -3.69
CA LEU C 18 -15.53 26.62 -2.80
C LEU C 18 -16.70 27.55 -3.10
N ILE C 19 -17.42 27.93 -2.05
CA ILE C 19 -18.45 28.94 -2.17
C ILE C 19 -17.76 30.30 -2.26
N TYR C 20 -18.01 31.00 -3.37
CA TYR C 20 -17.48 32.34 -3.58
C TYR C 20 -18.48 33.13 -4.41
N HIS C 21 -18.31 34.46 -4.41
CA HIS C 21 -19.16 35.33 -5.22
C HIS C 21 -18.28 36.35 -5.93
N VAL C 22 -18.66 36.70 -7.16
CA VAL C 22 -17.93 37.72 -7.92
C VAL C 22 -17.80 38.97 -7.05
N GLY C 23 -16.58 39.48 -6.92
CA GLY C 23 -16.30 40.62 -6.06
C GLY C 23 -15.64 40.23 -4.76
N ASP C 24 -15.55 38.92 -4.50
CA ASP C 24 -14.82 38.42 -3.33
C ASP C 24 -13.31 38.53 -3.56
N TRP C 25 -12.59 38.65 -2.45
CA TRP C 25 -11.13 38.64 -2.44
C TRP C 25 -10.64 37.40 -1.70
N LEU C 26 -9.71 36.67 -2.31
CA LEU C 26 -9.09 35.52 -1.66
C LEU C 26 -7.73 35.90 -1.11
N GLN C 27 -7.49 35.55 0.16
CA GLN C 27 -6.29 35.97 0.90
C GLN C 27 -6.10 37.48 0.93
N GLU C 28 -7.20 38.22 0.81
CA GLU C 28 -7.18 39.69 0.69
C GLU C 28 -6.15 40.16 -0.35
N ARG C 29 -6.24 39.57 -1.53
CA ARG C 29 -5.27 39.78 -2.59
C ARG C 29 -5.89 39.59 -3.98
N TYR C 30 -6.53 38.44 -4.19
CA TYR C 30 -7.08 38.09 -5.51
C TYR C 30 -8.55 38.47 -5.64
N GLU C 31 -8.82 39.52 -6.39
CA GLU C 31 -10.20 39.96 -6.63
C GLU C 31 -10.82 39.11 -7.73
N ILE C 32 -11.83 38.32 -7.36
CA ILE C 32 -12.52 37.45 -8.31
C ILE C 32 -13.37 38.29 -9.26
N VAL C 33 -12.96 38.33 -10.53
CA VAL C 33 -13.68 39.08 -11.56
C VAL C 33 -14.76 38.21 -12.21
N SER C 34 -14.36 37.06 -12.74
CA SER C 34 -15.31 36.16 -13.41
C SER C 34 -14.89 34.70 -13.27
N THR C 35 -15.86 33.81 -13.48
CA THR C 35 -15.61 32.38 -13.58
C THR C 35 -15.32 32.01 -15.03
N LEU C 36 -14.14 31.43 -15.27
CA LEU C 36 -13.70 31.09 -16.62
C LEU C 36 -14.08 29.67 -17.02
N GLY C 37 -14.30 28.80 -16.03
CA GLY C 37 -14.66 27.42 -16.31
C GLY C 37 -14.75 26.54 -15.09
N GLU C 38 -15.34 25.37 -15.27
CA GLU C 38 -15.44 24.36 -14.23
C GLU C 38 -15.04 23.01 -14.79
N GLY C 39 -14.11 22.34 -14.12
CA GLY C 39 -13.73 20.97 -14.44
C GLY C 39 -14.11 20.07 -13.28
N THR C 40 -13.64 18.83 -13.30
CA THR C 40 -13.89 17.89 -12.23
C THR C 40 -13.20 18.33 -10.93
N PHE C 41 -12.03 18.96 -11.09
CA PHE C 41 -11.16 19.38 -9.99
C PHE C 41 -11.70 20.53 -9.15
N GLY C 42 -12.52 21.36 -9.76
CA GLY C 42 -12.93 22.64 -9.17
C GLY C 42 -13.18 23.65 -10.27
N ARG C 43 -12.78 24.90 -10.03
CA ARG C 43 -13.04 26.00 -10.97
C ARG C 43 -11.80 26.81 -11.31
N VAL C 44 -11.82 27.45 -12.47
CA VAL C 44 -10.82 28.42 -12.87
C VAL C 44 -11.50 29.78 -12.90
N VAL C 45 -10.90 30.74 -12.19
CA VAL C 45 -11.46 32.09 -12.13
CA VAL C 45 -11.45 32.09 -12.05
C VAL C 45 -10.45 33.13 -12.57
N GLN C 46 -10.95 34.20 -13.18
CA GLN C 46 -10.10 35.34 -13.58
C GLN C 46 -10.01 36.29 -12.39
N CYS C 47 -8.80 36.78 -12.13
CA CYS C 47 -8.56 37.60 -10.93
C CYS C 47 -7.68 38.81 -11.18
N VAL C 48 -7.85 39.81 -10.33
CA VAL C 48 -6.92 40.92 -10.20
C VAL C 48 -5.98 40.58 -9.03
N ASP C 49 -4.69 40.44 -9.31
CA ASP C 49 -3.69 40.20 -8.26
C ASP C 49 -3.19 41.54 -7.73
N HIS C 50 -3.89 42.06 -6.73
CA HIS C 50 -3.61 43.41 -6.20
C HIS C 50 -2.24 43.55 -5.55
N ARG C 51 -1.57 42.43 -5.28
CA ARG C 51 -0.21 42.45 -4.77
C ARG C 51 0.82 42.59 -5.90
N ARG C 52 0.47 42.09 -7.08
CA ARG C 52 1.37 42.19 -8.23
C ARG C 52 0.90 43.20 -9.28
N GLY C 53 0.67 44.44 -8.82
CA GLY C 53 0.36 45.56 -9.70
C GLY C 53 -1.03 45.59 -10.31
N GLY C 54 -1.87 44.63 -9.92
CA GLY C 54 -3.23 44.54 -10.46
C GLY C 54 -3.31 43.72 -11.75
N ALA C 55 -2.26 42.96 -12.04
CA ALA C 55 -2.18 42.12 -13.24
C ALA C 55 -3.27 41.05 -13.24
N ARG C 56 -3.81 40.76 -14.42
CA ARG C 56 -4.86 39.75 -14.57
C ARG C 56 -4.24 38.36 -14.49
N VAL C 57 -4.75 37.54 -13.57
CA VAL C 57 -4.27 36.17 -13.42
C VAL C 57 -5.41 35.16 -13.47
N ALA C 58 -5.09 33.90 -13.74
CA ALA C 58 -6.05 32.82 -13.64
C ALA C 58 -5.80 32.08 -12.35
N LEU C 59 -6.87 31.82 -11.60
CA LEU C 59 -6.75 31.10 -10.35
C LEU C 59 -7.56 29.81 -10.38
N LYS C 60 -6.86 28.69 -10.18
CA LYS C 60 -7.49 27.39 -10.10
C LYS C 60 -7.86 27.11 -8.65
N ILE C 61 -9.16 26.98 -8.39
CA ILE C 61 -9.65 26.70 -7.04
C ILE C 61 -10.12 25.25 -6.98
N ILE C 62 -9.37 24.45 -6.23
CA ILE C 62 -9.58 22.99 -6.15
CA ILE C 62 -9.62 23.01 -6.18
C ILE C 62 -10.61 22.63 -5.10
N LYS C 63 -11.50 21.69 -5.44
CA LYS C 63 -12.51 21.17 -4.52
C LYS C 63 -11.89 20.64 -3.22
N ASN C 64 -12.63 20.82 -2.11
CA ASN C 64 -12.24 20.30 -0.81
C ASN C 64 -12.56 18.81 -0.68
N VAL C 65 -11.98 18.01 -1.58
CA VAL C 65 -12.17 16.57 -1.59
C VAL C 65 -10.82 15.90 -1.82
N GLU C 66 -10.48 14.97 -0.95
CA GLU C 66 -9.15 14.35 -0.92
C GLU C 66 -8.65 13.84 -2.27
N LYS C 67 -9.57 13.31 -3.09
CA LYS C 67 -9.25 12.89 -4.45
C LYS C 67 -8.49 13.99 -5.18
N TYR C 68 -9.14 15.14 -5.34
CA TYR C 68 -8.58 16.28 -6.06
C TYR C 68 -7.51 17.01 -5.25
N LYS C 69 -7.59 16.86 -3.93
CA LYS C 69 -6.62 17.45 -3.01
C LYS C 69 -5.22 16.88 -3.26
N GLU C 70 -5.12 15.56 -3.38
CA GLU C 70 -3.86 14.91 -3.70
C GLU C 70 -3.37 15.27 -5.10
N ALA C 71 -4.29 15.29 -6.06
CA ALA C 71 -3.97 15.61 -7.46
C ALA C 71 -3.44 17.04 -7.63
N ALA C 72 -3.92 17.95 -6.78
CA ALA C 72 -3.43 19.32 -6.72
C ALA C 72 -1.98 19.39 -6.19
N ARG C 73 -1.71 18.65 -5.12
CA ARG C 73 -0.36 18.56 -4.55
C ARG C 73 0.61 18.06 -5.61
N LEU C 74 0.25 16.94 -6.26
CA LEU C 74 1.04 16.39 -7.36
C LEU C 74 1.27 17.40 -8.48
N GLU C 75 0.22 18.15 -8.84
CA GLU C 75 0.34 19.17 -9.88
C GLU C 75 1.34 20.25 -9.47
N ILE C 76 1.21 20.73 -8.24
CA ILE C 76 2.12 21.73 -7.68
C ILE C 76 3.59 21.29 -7.76
N ASN C 77 3.86 20.03 -7.39
CA ASN C 77 5.21 19.47 -7.47
CA ASN C 77 5.21 19.46 -7.47
C ASN C 77 5.73 19.47 -8.90
N VAL C 78 4.89 18.98 -9.83
CA VAL C 78 5.22 18.98 -11.26
C VAL C 78 5.57 20.39 -11.74
N LEU C 79 4.73 21.37 -11.38
CA LEU C 79 4.94 22.77 -11.77
C LEU C 79 6.17 23.40 -11.12
N GLU C 80 6.47 23.02 -9.87
CA GLU C 80 7.71 23.44 -9.21
C GLU C 80 8.93 22.86 -9.90
N LYS C 81 8.80 21.62 -10.39
CA LYS C 81 9.84 20.98 -11.20
C LYS C 81 9.99 21.67 -12.56
N ILE C 82 8.87 22.13 -13.13
CA ILE C 82 8.90 22.87 -14.41
C ILE C 82 9.57 24.23 -14.28
N ASN C 83 9.26 24.96 -13.20
CA ASN C 83 9.89 26.25 -12.92
C ASN C 83 11.38 26.11 -12.57
N GLU C 84 11.76 24.94 -12.06
CA GLU C 84 13.15 24.65 -11.69
C GLU C 84 14.01 24.41 -12.93
N LYS C 85 13.52 23.56 -13.84
CA LYS C 85 14.26 23.19 -15.04
C LYS C 85 14.19 24.27 -16.14
N ASP C 86 13.07 25.00 -16.16
CA ASP C 86 12.85 26.07 -17.14
C ASP C 86 12.50 27.39 -16.42
N PRO C 87 13.50 28.05 -15.82
CA PRO C 87 13.23 29.28 -15.05
C PRO C 87 12.88 30.47 -15.93
N ASP C 88 13.44 30.50 -17.15
CA ASP C 88 13.19 31.57 -18.11
C ASP C 88 11.76 31.51 -18.68
N ASN C 89 11.10 30.37 -18.46
CA ASN C 89 9.76 30.11 -19.00
C ASN C 89 9.75 30.18 -20.53
N LYS C 90 10.32 29.15 -21.15
CA LYS C 90 10.52 29.12 -22.60
C LYS C 90 10.01 27.83 -23.24
N ASN C 91 9.60 26.87 -22.42
CA ASN C 91 9.18 25.55 -22.91
C ASN C 91 7.67 25.30 -23.00
N LEU C 92 6.91 26.38 -23.07
CA LEU C 92 5.50 26.37 -23.49
C LEU C 92 4.52 25.60 -22.57
N CYS C 93 4.95 25.29 -21.35
CA CYS C 93 4.04 24.83 -20.32
C CYS C 93 3.62 26.07 -19.53
N VAL C 94 2.38 26.07 -19.03
CA VAL C 94 1.82 27.24 -18.34
C VAL C 94 2.64 27.61 -17.10
N GLN C 95 2.80 28.90 -16.87
CA GLN C 95 3.60 29.37 -15.74
C GLN C 95 2.75 29.54 -14.49
N MET C 96 3.09 28.79 -13.46
CA MET C 96 2.52 28.99 -12.13
C MET C 96 3.24 30.15 -11.44
N PHE C 97 2.46 31.01 -10.79
CA PHE C 97 3.01 32.09 -9.98
C PHE C 97 3.10 31.68 -8.52
N ASP C 98 1.94 31.40 -7.91
CA ASP C 98 1.87 31.04 -6.49
C ASP C 98 0.88 29.92 -6.24
N TRP C 99 0.99 29.32 -5.06
CA TRP C 99 -0.04 28.42 -4.55
C TRP C 99 -0.23 28.62 -3.05
N PHE C 100 -1.40 28.25 -2.56
CA PHE C 100 -1.75 28.37 -1.14
C PHE C 100 -3.00 27.54 -0.83
N ASP C 101 -3.03 26.96 0.37
CA ASP C 101 -4.23 26.30 0.88
C ASP C 101 -5.14 27.37 1.43
N TYR C 102 -6.39 27.39 0.98
CA TYR C 102 -7.35 28.39 1.41
C TYR C 102 -8.56 27.72 2.04
N HIS C 103 -8.52 27.58 3.36
CA HIS C 103 -9.59 26.95 4.16
C HIS C 103 -10.06 25.62 3.58
N GLY C 104 -9.10 24.75 3.26
CA GLY C 104 -9.38 23.44 2.69
C GLY C 104 -9.18 23.36 1.19
N HIS C 105 -9.60 24.42 0.49
CA HIS C 105 -9.51 24.47 -0.97
C HIS C 105 -8.15 24.99 -1.43
N MET C 106 -7.43 24.16 -2.18
CA MET C 106 -6.14 24.55 -2.74
C MET C 106 -6.31 25.48 -3.94
N CYS C 107 -5.50 26.53 -3.98
CA CYS C 107 -5.56 27.51 -5.05
C CYS C 107 -4.22 27.65 -5.72
N ILE C 108 -4.24 27.67 -7.05
CA ILE C 108 -3.01 27.82 -7.82
C ILE C 108 -3.15 28.99 -8.80
N SER C 109 -2.18 29.90 -8.75
CA SER C 109 -2.16 31.07 -9.60
C SER C 109 -1.33 30.84 -10.86
N PHE C 110 -1.88 31.22 -12.01
CA PHE C 110 -1.20 31.07 -13.31
C PHE C 110 -1.25 32.38 -14.09
N GLU C 111 -0.42 32.48 -15.13
CA GLU C 111 -0.62 33.50 -16.15
C GLU C 111 -1.98 33.28 -16.78
N LEU C 112 -2.70 34.37 -17.06
CA LEU C 112 -4.01 34.29 -17.68
C LEU C 112 -3.85 34.02 -19.17
N LEU C 113 -4.57 33.03 -19.68
CA LEU C 113 -4.52 32.67 -21.09
C LEU C 113 -5.93 32.75 -21.69
N GLY C 114 -6.01 32.57 -23.00
CA GLY C 114 -7.29 32.69 -23.72
C GLY C 114 -8.08 31.40 -23.80
N LEU C 115 -8.95 31.32 -24.80
CA LEU C 115 -9.73 30.10 -25.04
C LEU C 115 -8.84 28.91 -25.39
N SER C 116 -9.29 27.72 -25.00
CA SER C 116 -8.60 26.49 -25.39
C SER C 116 -8.77 26.26 -26.89
N THR C 117 -7.88 25.45 -27.46
CA THR C 117 -7.93 25.11 -28.87
C THR C 117 -9.21 24.35 -29.20
N PHE C 118 -9.75 23.60 -28.22
CA PHE C 118 -11.07 23.03 -28.39
C PHE C 118 -12.18 24.08 -28.43
N ASP C 119 -12.23 24.94 -27.41
CA ASP C 119 -13.32 25.91 -27.27
C ASP C 119 -13.39 26.90 -28.41
N PHE C 120 -12.22 27.31 -28.91
CA PHE C 120 -12.15 28.14 -30.11
C PHE C 120 -12.77 27.43 -31.31
N LEU C 121 -12.43 26.15 -31.46
CA LEU C 121 -12.96 25.29 -32.52
C LEU C 121 -14.48 25.12 -32.42
N LYS C 122 -14.98 24.87 -31.21
CA LYS C 122 -16.42 24.77 -30.95
C LYS C 122 -17.12 26.08 -31.33
N ASP C 123 -16.56 27.19 -30.87
CA ASP C 123 -17.12 28.53 -31.12
C ASP C 123 -16.99 28.94 -32.60
N ASN C 124 -16.13 28.21 -33.31
CA ASN C 124 -15.94 28.38 -34.75
C ASN C 124 -16.73 27.33 -35.52
N ASN C 125 -17.74 26.76 -34.86
CA ASN C 125 -18.66 25.77 -35.48
C ASN C 125 -17.99 24.50 -36.00
N TYR C 126 -16.86 24.14 -35.39
CA TYR C 126 -16.10 22.94 -35.73
C TYR C 126 -15.43 22.98 -37.10
N LEU C 127 -15.41 24.16 -37.70
CA LEU C 127 -14.62 24.41 -38.90
C LEU C 127 -13.15 24.33 -38.49
N PRO C 128 -12.36 23.50 -39.20
CA PRO C 128 -11.00 23.20 -38.77
C PRO C 128 -10.02 24.35 -38.96
N TYR C 129 -8.87 24.24 -38.29
CA TYR C 129 -7.77 25.17 -38.47
C TYR C 129 -7.08 24.88 -39.80
N PRO C 130 -6.70 25.94 -40.55
CA PRO C 130 -5.88 25.78 -41.75
C PRO C 130 -4.53 25.12 -41.43
N ILE C 131 -3.96 24.46 -42.43
CA ILE C 131 -2.76 23.63 -42.22
C ILE C 131 -1.56 24.39 -41.63
N HIS C 132 -1.35 25.65 -42.04
CA HIS C 132 -0.26 26.46 -41.47
C HIS C 132 -0.44 26.67 -39.96
N GLN C 133 -1.69 26.82 -39.53
CA GLN C 133 -1.98 26.95 -38.10
C GLN C 133 -1.84 25.61 -37.38
N VAL C 134 -2.31 24.54 -38.02
CA VAL C 134 -2.14 23.19 -37.50
C VAL C 134 -0.66 22.92 -37.22
N ARG C 135 0.19 23.27 -38.18
CA ARG C 135 1.64 23.05 -38.07
C ARG C 135 2.26 23.76 -36.86
N HIS C 136 1.91 25.04 -36.68
CA HIS C 136 2.44 25.83 -35.56
C HIS C 136 1.96 25.30 -34.21
N MET C 137 0.67 24.98 -34.13
CA MET C 137 0.07 24.41 -32.92
C MET C 137 0.66 23.05 -32.57
N ALA C 138 0.86 22.21 -33.60
CA ALA C 138 1.43 20.88 -33.40
C ALA C 138 2.89 20.98 -32.99
N PHE C 139 3.60 21.94 -33.55
CA PHE C 139 5.03 22.15 -33.25
C PHE C 139 5.24 22.49 -31.78
N GLN C 140 4.49 23.47 -31.29
CA GLN C 140 4.60 23.89 -29.89
C GLN C 140 4.14 22.78 -28.94
N LEU C 141 3.04 22.13 -29.31
CA LEU C 141 2.53 21.00 -28.55
C LEU C 141 3.59 19.90 -28.37
N CYS C 142 4.27 19.54 -29.46
CA CYS C 142 5.35 18.55 -29.39
C CYS C 142 6.53 19.07 -28.56
N GLN C 143 6.83 20.36 -28.68
CA GLN C 143 7.92 20.98 -27.89
C GLN C 143 7.64 20.93 -26.39
N ALA C 144 6.44 21.34 -25.99
CA ALA C 144 6.06 21.38 -24.59
C ALA C 144 6.02 19.99 -23.95
N VAL C 145 5.53 19.01 -24.71
CA VAL C 145 5.43 17.66 -24.18
C VAL C 145 6.78 16.93 -24.23
N LYS C 146 7.62 17.25 -25.21
CA LYS C 146 8.98 16.71 -25.25
C LYS C 146 9.79 17.16 -24.02
N PHE C 147 9.64 18.44 -23.65
CA PHE C 147 10.27 18.99 -22.46
C PHE C 147 9.90 18.16 -21.23
N LEU C 148 8.62 17.81 -21.12
CA LEU C 148 8.16 16.97 -20.03
C LEU C 148 8.83 15.60 -20.10
N HIS C 149 8.83 15.01 -21.29
CA HIS C 149 9.40 13.69 -21.55
C HIS C 149 10.90 13.62 -21.26
N ASP C 150 11.59 14.74 -21.46
CA ASP C 150 13.02 14.84 -21.14
C ASP C 150 13.29 14.91 -19.64
N ASN C 151 12.23 15.17 -18.87
CA ASN C 151 12.35 15.27 -17.41
C ASN C 151 11.62 14.15 -16.66
N LYS C 152 11.54 12.99 -17.31
CA LYS C 152 10.95 11.77 -16.74
C LYS C 152 9.45 11.90 -16.39
N LEU C 153 8.72 12.66 -17.20
CA LEU C 153 7.31 12.92 -16.95
C LEU C 153 6.40 12.49 -18.10
N THR C 154 5.15 12.20 -17.74
CA THR C 154 4.10 11.92 -18.71
C THR C 154 2.88 12.74 -18.31
N HIS C 155 2.30 13.46 -19.27
CA HIS C 155 1.11 14.27 -19.01
C HIS C 155 -0.14 13.42 -18.77
N THR C 156 -0.36 12.45 -19.67
CA THR C 156 -1.48 11.47 -19.66
C THR C 156 -2.86 12.01 -20.03
N ASP C 157 -3.05 13.31 -19.92
CA ASP C 157 -4.38 13.86 -20.19
C ASP C 157 -4.37 14.98 -21.22
N LEU C 158 -3.62 14.76 -22.29
CA LEU C 158 -3.54 15.72 -23.36
C LEU C 158 -4.79 15.67 -24.23
N LYS C 159 -5.36 16.84 -24.46
CA LYS C 159 -6.54 17.02 -25.29
C LYS C 159 -6.67 18.51 -25.59
N PRO C 160 -7.41 18.88 -26.65
CA PRO C 160 -7.47 20.28 -27.07
C PRO C 160 -7.93 21.26 -25.99
N GLU C 161 -8.72 20.77 -25.02
CA GLU C 161 -9.15 21.58 -23.86
C GLU C 161 -7.98 22.02 -22.95
N ASN C 162 -6.89 21.25 -22.97
CA ASN C 162 -5.72 21.54 -22.14
C ASN C 162 -4.57 22.20 -22.92
N ILE C 163 -4.88 22.63 -24.15
CA ILE C 163 -3.97 23.43 -24.95
C ILE C 163 -4.67 24.78 -25.18
N LEU C 164 -4.10 25.81 -24.58
CA LEU C 164 -4.72 27.12 -24.51
C LEU C 164 -3.96 28.13 -25.36
N PHE C 165 -4.71 28.93 -26.13
CA PHE C 165 -4.14 30.09 -26.80
C PHE C 165 -3.72 31.12 -25.75
N VAL C 166 -2.51 31.66 -25.90
CA VAL C 166 -2.05 32.80 -25.07
C VAL C 166 -3.08 33.92 -25.17
N ASN C 167 -3.56 34.15 -26.39
CA ASN C 167 -4.61 35.10 -26.65
C ASN C 167 -5.44 34.62 -27.83
N SER C 168 -6.76 34.63 -27.67
CA SER C 168 -7.63 34.04 -28.67
C SER C 168 -8.47 35.06 -29.46
N ASP C 169 -7.95 36.29 -29.59
CA ASP C 169 -8.56 37.28 -30.48
C ASP C 169 -8.56 36.76 -31.91
N TYR C 170 -9.65 37.03 -32.63
CA TYR C 170 -9.88 36.46 -33.96
C TYR C 170 -10.36 37.48 -34.99
N GLU C 171 -10.23 37.13 -36.27
CA GLU C 171 -10.76 37.91 -37.38
C GLU C 171 -11.96 37.22 -38.02
N LEU C 172 -13.03 37.97 -38.25
CA LEU C 172 -14.22 37.47 -38.93
C LEU C 172 -14.16 37.68 -40.44
N THR C 173 -13.96 36.59 -41.18
CA THR C 173 -14.03 36.62 -42.65
C THR C 173 -15.08 35.64 -43.17
N TYR C 174 -15.68 35.97 -44.31
CA TYR C 174 -16.67 35.08 -44.93
C TYR C 174 -15.96 34.02 -45.76
N ASN C 175 -16.29 32.76 -45.49
CA ASN C 175 -15.76 31.64 -46.25
C ASN C 175 -16.74 31.32 -47.37
N LEU C 176 -16.36 31.69 -48.60
CA LEU C 176 -17.20 31.47 -49.77
C LEU C 176 -17.37 29.97 -50.08
N GLU C 177 -16.29 29.21 -49.91
CA GLU C 177 -16.29 27.75 -50.08
C GLU C 177 -17.37 27.07 -49.26
N LYS C 178 -17.31 27.26 -47.94
CA LYS C 178 -18.21 26.59 -47.00
C LYS C 178 -19.44 27.43 -46.63
N LYS C 179 -19.56 28.60 -47.27
CA LYS C 179 -20.74 29.46 -47.16
C LYS C 179 -21.12 29.83 -45.70
N ARG C 180 -20.10 30.05 -44.87
CA ARG C 180 -20.28 30.42 -43.46
C ARG C 180 -19.24 31.47 -43.05
N ASP C 181 -19.49 32.15 -41.94
CA ASP C 181 -18.48 33.02 -41.35
C ASP C 181 -17.43 32.19 -40.61
N GLU C 182 -16.16 32.51 -40.86
CA GLU C 182 -15.04 31.84 -40.20
C GLU C 182 -14.32 32.77 -39.23
N ARG C 183 -13.96 32.23 -38.07
CA ARG C 183 -13.10 32.94 -37.12
C ARG C 183 -11.67 32.46 -37.30
N SER C 184 -10.76 33.41 -37.46
CA SER C 184 -9.33 33.10 -37.61
CA SER C 184 -9.33 33.10 -37.61
C SER C 184 -8.55 33.66 -36.42
N VAL C 185 -7.94 32.77 -35.64
CA VAL C 185 -7.18 33.17 -34.47
C VAL C 185 -5.94 33.93 -34.97
N LYS C 186 -5.76 35.14 -34.44
CA LYS C 186 -4.69 36.03 -34.90
C LYS C 186 -3.33 35.49 -34.52
N SER C 187 -3.25 34.80 -33.40
CA SER C 187 -2.02 34.18 -32.94
C SER C 187 -2.22 32.74 -32.47
N THR C 188 -1.40 31.84 -32.99
CA THR C 188 -1.49 30.43 -32.66
C THR C 188 -0.53 30.00 -31.56
N ALA C 189 0.06 30.98 -30.87
CA ALA C 189 0.86 30.69 -29.68
C ALA C 189 -0.04 30.00 -28.65
N VAL C 190 0.48 28.93 -28.05
CA VAL C 190 -0.29 28.09 -27.12
C VAL C 190 0.54 27.68 -25.90
N ARG C 191 -0.16 27.29 -24.84
CA ARG C 191 0.47 26.70 -23.67
C ARG C 191 -0.27 25.42 -23.27
N VAL C 192 0.46 24.46 -22.72
CA VAL C 192 -0.15 23.24 -22.18
C VAL C 192 -0.51 23.45 -20.72
N VAL C 193 -1.73 23.06 -20.35
CA VAL C 193 -2.19 23.17 -18.96
C VAL C 193 -2.63 21.83 -18.38
N ASP C 194 -2.97 21.87 -17.10
CA ASP C 194 -3.48 20.73 -16.32
C ASP C 194 -2.46 19.62 -16.11
N PHE C 195 -1.76 19.69 -14.98
CA PHE C 195 -0.76 18.70 -14.66
C PHE C 195 -1.17 17.88 -13.44
N GLY C 196 -2.48 17.83 -13.20
CA GLY C 196 -3.07 17.06 -12.10
C GLY C 196 -3.01 15.56 -12.29
N SER C 197 -2.72 15.13 -13.52
CA SER C 197 -2.57 13.72 -13.83
C SER C 197 -1.14 13.35 -14.23
N ALA C 198 -0.26 14.35 -14.30
CA ALA C 198 1.13 14.15 -14.75
C ALA C 198 1.90 13.25 -13.80
N THR C 199 2.62 12.27 -14.37
CA THR C 199 3.27 11.23 -13.58
C THR C 199 4.76 11.09 -13.89
N PHE C 200 5.58 11.10 -12.83
CA PHE C 200 7.01 10.80 -12.97
C PHE C 200 7.22 9.32 -13.22
N ASP C 201 8.30 8.98 -13.91
CA ASP C 201 8.64 7.58 -14.24
C ASP C 201 8.64 6.64 -13.04
N HIS C 202 9.26 7.07 -11.94
CA HIS C 202 9.39 6.24 -10.73
C HIS C 202 8.07 6.11 -9.97
N GLU C 203 7.14 7.01 -10.24
CA GLU C 203 5.91 7.12 -9.47
C GLU C 203 4.86 6.07 -9.87
N HIS C 204 3.80 5.97 -9.08
CA HIS C 204 2.70 5.04 -9.34
C HIS C 204 1.91 5.44 -10.57
N HIS C 205 1.70 4.47 -11.46
CA HIS C 205 0.93 4.65 -12.69
C HIS C 205 -0.47 4.10 -12.51
N SER C 206 -1.48 4.96 -12.64
CA SER C 206 -2.87 4.51 -12.66
C SER C 206 -3.07 3.59 -13.86
N THR C 207 -3.96 2.63 -13.73
CA THR C 207 -4.24 1.68 -14.80
C THR C 207 -4.86 2.40 -16.00
N ILE C 208 -5.96 3.10 -15.77
CA ILE C 208 -6.65 3.81 -16.84
C ILE C 208 -6.39 5.31 -16.76
N VAL C 209 -5.79 5.83 -17.83
CA VAL C 209 -5.50 7.25 -17.94
C VAL C 209 -5.99 7.77 -19.29
N SER C 210 -5.93 9.08 -19.46
CA SER C 210 -6.39 9.80 -20.66
C SER C 210 -7.91 9.86 -20.77
N THR C 211 -8.39 10.95 -21.36
CA THR C 211 -9.79 11.09 -21.73
C THR C 211 -10.06 10.22 -22.96
N ARG C 212 -11.18 9.48 -22.94
CA ARG C 212 -11.49 8.45 -23.94
C ARG C 212 -10.92 8.68 -25.34
N HIS C 213 -11.27 9.79 -25.97
CA HIS C 213 -10.93 10.05 -27.37
C HIS C 213 -9.43 10.05 -27.67
N TYR C 214 -8.63 10.19 -26.62
CA TYR C 214 -7.18 10.38 -26.77
C TYR C 214 -6.41 9.29 -26.05
N ARG C 215 -7.12 8.25 -25.62
CA ARG C 215 -6.52 7.13 -24.87
C ARG C 215 -5.81 6.16 -25.81
N ALA C 216 -4.55 5.86 -25.48
CA ALA C 216 -3.71 4.94 -26.24
C ALA C 216 -4.19 3.49 -26.10
N PRO C 217 -3.94 2.65 -27.14
CA PRO C 217 -4.32 1.24 -27.13
C PRO C 217 -3.65 0.42 -26.03
N GLU C 218 -2.39 0.70 -25.72
CA GLU C 218 -1.71 0.02 -24.62
C GLU C 218 -2.36 0.30 -23.26
N VAL C 219 -3.05 1.44 -23.14
CA VAL C 219 -3.80 1.78 -21.92
C VAL C 219 -5.07 0.95 -21.86
N ILE C 220 -5.83 0.97 -22.94
CA ILE C 220 -7.06 0.18 -23.05
C ILE C 220 -6.80 -1.29 -22.74
N LEU C 221 -5.73 -1.85 -23.31
CA LEU C 221 -5.38 -3.25 -23.13
C LEU C 221 -4.56 -3.48 -21.86
N GLU C 222 -4.39 -2.42 -21.05
CA GLU C 222 -3.67 -2.48 -19.77
C GLU C 222 -2.31 -3.16 -19.88
N LEU C 223 -1.54 -2.77 -20.89
CA LEU C 223 -0.22 -3.35 -21.14
C LEU C 223 0.91 -2.54 -20.49
N GLY C 224 0.56 -1.59 -19.63
CA GLY C 224 1.53 -0.63 -19.11
C GLY C 224 1.78 0.49 -20.11
N TRP C 225 1.99 1.69 -19.58
CA TRP C 225 2.17 2.88 -20.40
C TRP C 225 3.28 3.77 -19.87
N SER C 226 3.81 4.62 -20.76
CA SER C 226 4.69 5.71 -20.36
C SER C 226 4.58 6.83 -21.40
N GLN C 227 5.69 7.55 -21.61
CA GLN C 227 5.77 8.67 -22.56
C GLN C 227 5.00 8.47 -23.87
N PRO C 228 5.13 7.29 -24.53
CA PRO C 228 4.41 7.06 -25.79
C PRO C 228 2.89 7.31 -25.76
N CYS C 229 2.25 7.10 -24.63
CA CYS C 229 0.80 7.32 -24.56
C CYS C 229 0.41 8.80 -24.77
N ASP C 230 1.34 9.72 -24.47
CA ASP C 230 1.16 11.15 -24.77
C ASP C 230 1.24 11.43 -26.26
N VAL C 231 2.12 10.70 -26.95
CA VAL C 231 2.31 10.87 -28.39
C VAL C 231 1.05 10.41 -29.15
N TRP C 232 0.47 9.29 -28.71
CA TRP C 232 -0.83 8.86 -29.21
C TRP C 232 -1.87 9.98 -29.11
N SER C 233 -2.00 10.56 -27.91
CA SER C 233 -2.97 11.64 -27.67
C SER C 233 -2.73 12.79 -28.63
N ILE C 234 -1.46 13.17 -28.76
CA ILE C 234 -1.04 14.26 -29.64
C ILE C 234 -1.44 13.98 -31.09
N GLY C 235 -1.15 12.78 -31.59
CA GLY C 235 -1.61 12.36 -32.91
C GLY C 235 -3.10 12.57 -33.10
N CYS C 236 -3.89 12.12 -32.11
CA CYS C 236 -5.35 12.30 -32.11
C CYS C 236 -5.74 13.78 -32.12
N ILE C 237 -5.03 14.58 -31.32
CA ILE C 237 -5.27 16.02 -31.25
C ILE C 237 -5.03 16.68 -32.60
N ILE C 238 -3.87 16.38 -33.21
CA ILE C 238 -3.49 16.98 -34.48
C ILE C 238 -4.52 16.67 -35.58
N PHE C 239 -5.01 15.44 -35.61
CA PHE C 239 -6.06 15.05 -36.54
C PHE C 239 -7.28 15.94 -36.34
N GLU C 240 -7.64 16.16 -35.08
CA GLU C 240 -8.82 16.93 -34.71
C GLU C 240 -8.70 18.40 -35.15
N TYR C 241 -7.51 18.98 -35.02
CA TYR C 241 -7.28 20.33 -35.52
C TYR C 241 -7.55 20.41 -37.01
N TYR C 242 -7.16 19.37 -37.73
CA TYR C 242 -7.20 19.32 -39.19
C TYR C 242 -8.60 19.16 -39.79
N VAL C 243 -9.47 18.39 -39.12
CA VAL C 243 -10.81 18.11 -39.64
C VAL C 243 -11.96 18.66 -38.78
N GLY C 244 -11.70 18.91 -37.50
CA GLY C 244 -12.68 19.55 -36.62
C GLY C 244 -13.49 18.64 -35.70
N PHE C 245 -13.53 17.35 -36.02
CA PHE C 245 -14.20 16.35 -35.17
C PHE C 245 -13.19 15.35 -34.61
N THR C 246 -13.58 14.61 -33.57
CA THR C 246 -12.70 13.64 -32.94
C THR C 246 -12.40 12.47 -33.89
N LEU C 247 -11.20 11.93 -33.78
CA LEU C 247 -10.83 10.74 -34.54
C LEU C 247 -11.62 9.52 -34.05
N PHE C 248 -11.77 9.41 -32.73
CA PHE C 248 -12.49 8.29 -32.11
C PHE C 248 -13.68 8.81 -31.29
N GLN C 249 -14.80 9.00 -31.97
CA GLN C 249 -16.03 9.44 -31.31
C GLN C 249 -16.73 8.23 -30.74
N THR C 250 -16.34 7.85 -29.53
CA THR C 250 -16.81 6.63 -28.88
C THR C 250 -16.70 6.75 -27.37
N HIS C 251 -17.34 5.82 -26.65
CA HIS C 251 -17.29 5.80 -25.19
C HIS C 251 -16.98 4.42 -24.63
N ASP C 252 -16.74 3.45 -25.51
CA ASP C 252 -16.63 2.05 -25.10
C ASP C 252 -15.42 1.35 -25.71
N ASN C 253 -14.81 0.47 -24.92
CA ASN C 253 -13.57 -0.22 -25.28
C ASN C 253 -13.63 -0.98 -26.61
N ARG C 254 -14.61 -1.87 -26.75
CA ARG C 254 -14.77 -2.70 -27.96
C ARG C 254 -15.00 -1.87 -29.22
N GLU C 255 -15.95 -0.93 -29.14
CA GLU C 255 -16.23 0.00 -30.26
C GLU C 255 -15.00 0.82 -30.60
N HIS C 256 -14.23 1.20 -29.58
CA HIS C 256 -13.02 2.00 -29.76
C HIS C 256 -12.02 1.21 -30.60
N LEU C 257 -11.77 -0.04 -30.20
CA LEU C 257 -10.85 -0.91 -30.91
C LEU C 257 -11.33 -1.22 -32.33
N ALA C 258 -12.66 -1.32 -32.50
CA ALA C 258 -13.26 -1.54 -33.81
C ALA C 258 -12.97 -0.37 -34.75
N MET C 259 -13.11 0.85 -34.21
CA MET C 259 -12.78 2.07 -34.96
C MET C 259 -11.30 2.10 -35.32
N MET C 260 -10.44 1.72 -34.37
CA MET C 260 -9.00 1.65 -34.57
C MET C 260 -8.62 0.73 -35.73
N GLU C 261 -9.27 -0.42 -35.80
CA GLU C 261 -9.02 -1.37 -36.90
C GLU C 261 -9.53 -0.86 -38.24
N ARG C 262 -10.63 -0.12 -38.20
CA ARG C 262 -11.22 0.45 -39.40
C ARG C 262 -10.36 1.58 -39.97
N ILE C 263 -9.69 2.30 -39.07
CA ILE C 263 -8.96 3.52 -39.43
C ILE C 263 -7.47 3.26 -39.62
N LEU C 264 -6.88 2.46 -38.72
CA LEU C 264 -5.44 2.25 -38.69
C LEU C 264 -5.04 0.84 -39.08
N GLY C 265 -6.03 -0.04 -39.25
CA GLY C 265 -5.76 -1.43 -39.56
C GLY C 265 -5.75 -2.33 -38.33
N PRO C 266 -5.46 -3.63 -38.52
CA PRO C 266 -5.53 -4.64 -37.46
C PRO C 266 -4.59 -4.37 -36.29
N ILE C 267 -5.10 -4.58 -35.07
CA ILE C 267 -4.29 -4.50 -33.84
C ILE C 267 -3.23 -5.60 -33.91
N PRO C 268 -1.97 -5.29 -33.57
CA PRO C 268 -0.91 -6.29 -33.64
C PRO C 268 -1.18 -7.50 -32.76
N SER C 269 -0.93 -8.69 -33.32
CA SER C 269 -1.14 -9.97 -32.66
C SER C 269 -0.48 -10.02 -31.28
N ARG C 270 0.71 -9.43 -31.18
CA ARG C 270 1.49 -9.44 -29.95
C ARG C 270 0.78 -8.74 -28.80
N MET C 271 0.00 -7.71 -29.13
CA MET C 271 -0.74 -6.97 -28.12
C MET C 271 -1.99 -7.73 -27.71
N ILE C 272 -2.60 -8.43 -28.67
CA ILE C 272 -3.77 -9.27 -28.40
C ILE C 272 -3.42 -10.44 -27.48
N ARG C 273 -2.30 -11.10 -27.77
CA ARG C 273 -1.83 -12.24 -26.99
C ARG C 273 -1.32 -11.87 -25.59
N LYS C 274 -0.84 -10.64 -25.43
CA LYS C 274 -0.23 -10.20 -24.17
C LYS C 274 -1.25 -9.64 -23.16
N THR C 275 -2.30 -8.98 -23.66
CA THR C 275 -3.28 -8.29 -22.81
C THR C 275 -4.01 -9.21 -21.84
N ARG C 276 -4.39 -8.68 -20.69
CA ARG C 276 -5.26 -9.40 -19.76
C ARG C 276 -6.72 -9.29 -20.20
N LYS C 277 -7.01 -8.35 -21.10
CA LYS C 277 -8.35 -8.17 -21.63
C LYS C 277 -8.69 -9.19 -22.72
N GLN C 278 -8.47 -10.47 -22.40
CA GLN C 278 -8.66 -11.58 -23.34
C GLN C 278 -10.10 -11.69 -23.85
N LYS C 279 -11.06 -11.28 -23.03
CA LYS C 279 -12.48 -11.30 -23.42
C LYS C 279 -12.83 -10.40 -24.62
N TYR C 280 -11.91 -9.53 -25.03
CA TYR C 280 -12.15 -8.67 -26.18
C TYR C 280 -11.82 -9.35 -27.51
N PHE C 281 -11.20 -10.53 -27.45
CA PHE C 281 -10.76 -11.24 -28.65
C PHE C 281 -11.04 -12.73 -28.61
N TYR C 282 -11.42 -13.28 -29.77
CA TYR C 282 -11.54 -14.71 -29.93
C TYR C 282 -10.62 -15.19 -31.04
N ARG C 283 -9.51 -15.81 -30.63
CA ARG C 283 -8.48 -16.29 -31.54
C ARG C 283 -8.10 -15.23 -32.58
N GLY C 284 -7.80 -14.03 -32.08
CA GLY C 284 -7.33 -12.91 -32.90
C GLY C 284 -8.42 -11.98 -33.40
N ARG C 285 -9.67 -12.44 -33.33
CA ARG C 285 -10.82 -11.71 -33.87
C ARG C 285 -11.53 -10.90 -32.77
N LEU C 286 -11.56 -9.58 -32.95
CA LEU C 286 -12.14 -8.67 -31.97
C LEU C 286 -13.63 -8.93 -31.74
N ASP C 287 -14.04 -8.91 -30.47
CA ASP C 287 -15.43 -9.14 -30.06
C ASP C 287 -16.31 -7.95 -30.44
N TRP C 288 -16.65 -7.88 -31.73
CA TRP C 288 -17.42 -6.78 -32.30
C TRP C 288 -18.24 -7.30 -33.48
N ASP C 289 -19.55 -7.05 -33.42
CA ASP C 289 -20.46 -7.48 -34.48
C ASP C 289 -20.65 -6.35 -35.49
N GLU C 290 -20.13 -6.56 -36.70
CA GLU C 290 -20.21 -5.55 -37.76
C GLU C 290 -21.63 -5.30 -38.28
N ASN C 291 -22.55 -6.21 -37.95
CA ASN C 291 -23.90 -6.13 -38.48
C ASN C 291 -24.99 -5.55 -37.57
N THR C 292 -24.63 -5.20 -36.34
CA THR C 292 -25.55 -4.39 -35.51
C THR C 292 -25.58 -2.95 -36.05
N SER C 293 -26.55 -2.16 -35.61
CA SER C 293 -26.68 -0.77 -36.05
C SER C 293 -25.45 0.05 -35.64
N ALA C 294 -24.86 -0.30 -34.49
CA ALA C 294 -23.59 0.30 -34.04
C ALA C 294 -22.42 -0.13 -34.93
N GLY C 295 -22.36 -1.42 -35.24
CA GLY C 295 -21.32 -1.98 -36.11
C GLY C 295 -21.40 -1.42 -37.53
N ARG C 296 -22.62 -1.31 -38.04
CA ARG C 296 -22.90 -0.72 -39.36
C ARG C 296 -22.47 0.75 -39.42
N TYR C 297 -22.70 1.47 -38.33
CA TYR C 297 -22.31 2.87 -38.21
C TYR C 297 -20.79 3.04 -38.32
N VAL C 298 -20.06 2.15 -37.67
CA VAL C 298 -18.59 2.18 -37.69
C VAL C 298 -18.05 1.85 -39.09
N ARG C 299 -18.62 0.85 -39.74
CA ARG C 299 -18.22 0.44 -41.07
C ARG C 299 -18.34 1.57 -42.10
N GLU C 300 -19.37 2.39 -41.95
CA GLU C 300 -19.71 3.41 -42.95
C GLU C 300 -19.08 4.78 -42.69
N ASN C 301 -18.88 5.13 -41.42
CA ASN C 301 -18.38 6.47 -41.07
C ASN C 301 -16.92 6.56 -40.63
N CYS C 302 -16.33 5.41 -40.33
CA CYS C 302 -14.90 5.37 -40.05
C CYS C 302 -14.20 4.81 -41.28
N LYS C 303 -13.21 5.56 -41.77
CA LYS C 303 -12.46 5.14 -42.95
C LYS C 303 -10.97 5.24 -42.68
N PRO C 304 -10.14 4.54 -43.48
CA PRO C 304 -8.69 4.59 -43.31
C PRO C 304 -8.19 6.02 -43.12
N LEU C 305 -7.21 6.19 -42.23
CA LEU C 305 -6.73 7.49 -41.79
C LEU C 305 -6.51 8.50 -42.93
N ARG C 306 -5.90 8.03 -44.02
CA ARG C 306 -5.52 8.92 -45.14
C ARG C 306 -6.68 9.38 -46.02
N ARG C 307 -7.86 8.81 -45.82
CA ARG C 307 -9.06 9.26 -46.54
C ARG C 307 -9.56 10.64 -46.10
N TYR C 308 -9.07 11.11 -44.95
CA TYR C 308 -9.50 12.39 -44.39
C TYR C 308 -8.71 13.61 -44.90
N LEU C 309 -7.76 13.36 -45.80
CA LEU C 309 -6.99 14.43 -46.44
C LEU C 309 -7.89 15.34 -47.28
N THR C 310 -7.67 16.65 -47.16
CA THR C 310 -8.43 17.65 -47.91
C THR C 310 -7.68 18.08 -49.17
N SER C 311 -6.43 17.62 -49.31
CA SER C 311 -5.55 17.97 -50.43
C SER C 311 -4.52 16.88 -50.70
N GLU C 312 -4.16 16.74 -51.97
CA GLU C 312 -3.16 15.76 -52.39
C GLU C 312 -1.73 16.31 -52.35
N ALA C 313 -1.58 17.58 -51.96
CA ALA C 313 -0.27 18.23 -51.86
C ALA C 313 0.64 17.51 -50.88
N GLU C 314 1.94 17.51 -51.19
CA GLU C 314 2.94 16.81 -50.36
C GLU C 314 2.96 17.33 -48.92
N GLU C 315 2.68 18.62 -48.72
CA GLU C 315 2.68 19.19 -47.37
C GLU C 315 1.59 18.58 -46.48
N HIS C 316 0.44 18.28 -47.08
CA HIS C 316 -0.69 17.60 -46.42
C HIS C 316 -0.36 16.13 -46.13
N HIS C 317 0.22 15.45 -47.11
CA HIS C 317 0.67 14.06 -46.96
C HIS C 317 1.70 13.98 -45.84
N GLN C 318 2.55 15.00 -45.73
CA GLN C 318 3.58 15.08 -44.69
C GLN C 318 2.97 15.10 -43.30
N LEU C 319 1.87 15.85 -43.14
CA LEU C 319 1.15 15.93 -41.88
C LEU C 319 0.67 14.55 -41.46
N PHE C 320 0.04 13.85 -42.40
CA PHE C 320 -0.45 12.51 -42.14
C PHE C 320 0.65 11.45 -41.94
N ASP C 321 1.84 11.66 -42.53
CA ASP C 321 2.99 10.82 -42.19
C ASP C 321 3.25 10.91 -40.70
N LEU C 322 3.14 12.12 -40.16
CA LEU C 322 3.38 12.39 -38.75
C LEU C 322 2.30 11.81 -37.84
N ILE C 323 1.03 12.03 -38.20
CA ILE C 323 -0.10 11.48 -37.45
C ILE C 323 -0.02 9.95 -37.42
N GLU C 324 0.18 9.36 -38.60
CA GLU C 324 0.33 7.93 -38.78
C GLU C 324 1.43 7.32 -37.90
N SER C 325 2.57 8.02 -37.78
CA SER C 325 3.68 7.53 -36.94
C SER C 325 3.41 7.71 -35.45
N MET C 326 2.61 8.72 -35.11
CA MET C 326 2.18 8.96 -33.73
C MET C 326 1.08 7.97 -33.33
N LEU C 327 0.43 7.39 -34.31
CA LEU C 327 -0.65 6.44 -34.08
C LEU C 327 -0.21 4.99 -34.33
N GLU C 328 1.09 4.78 -34.19
CA GLU C 328 1.65 3.45 -34.19
C GLU C 328 1.11 2.68 -32.99
N TYR C 329 0.60 1.48 -33.24
CA TYR C 329 0.00 0.66 -32.18
C TYR C 329 0.99 0.32 -31.08
N GLU C 330 2.16 -0.21 -31.45
CA GLU C 330 3.19 -0.57 -30.47
C GLU C 330 3.89 0.68 -29.95
N PRO C 331 3.76 0.95 -28.63
CA PRO C 331 4.36 2.15 -28.02
C PRO C 331 5.88 2.20 -28.17
N ALA C 332 6.53 1.04 -28.24
CA ALA C 332 7.99 0.97 -28.44
C ALA C 332 8.38 1.37 -29.86
N LYS C 333 7.51 1.10 -30.82
CA LYS C 333 7.75 1.41 -32.23
C LYS C 333 7.15 2.77 -32.63
N ARG C 334 6.43 3.38 -31.70
CA ARG C 334 5.79 4.69 -31.89
C ARG C 334 6.80 5.83 -31.89
N LEU C 335 6.53 6.83 -32.72
CA LEU C 335 7.35 8.02 -32.85
C LEU C 335 7.59 8.72 -31.52
N THR C 336 8.86 8.96 -31.18
CA THR C 336 9.20 9.80 -30.03
C THR C 336 9.04 11.27 -30.44
N LEU C 337 8.89 12.16 -29.45
CA LEU C 337 8.71 13.58 -29.75
C LEU C 337 10.00 14.27 -30.17
N GLY C 338 11.14 13.76 -29.71
CA GLY C 338 12.45 14.15 -30.23
C GLY C 338 12.52 13.96 -31.74
N GLU C 339 11.99 12.83 -32.20
CA GLU C 339 11.89 12.54 -33.63
C GLU C 339 10.86 13.42 -34.32
N ALA C 340 9.76 13.70 -33.62
CA ALA C 340 8.66 14.50 -34.15
C ALA C 340 9.10 15.90 -34.56
N LEU C 341 9.92 16.53 -33.73
CA LEU C 341 10.45 17.86 -34.03
C LEU C 341 11.33 17.88 -35.28
N GLN C 342 12.01 16.76 -35.53
CA GLN C 342 12.89 16.60 -36.70
C GLN C 342 12.11 16.26 -37.97
N HIS C 343 10.79 16.11 -37.85
CA HIS C 343 9.96 15.59 -38.94
C HIS C 343 9.88 16.58 -40.10
N PRO C 344 9.87 16.07 -41.35
CA PRO C 344 9.75 16.89 -42.57
C PRO C 344 8.59 17.89 -42.59
N PHE C 345 7.55 17.64 -41.79
CA PHE C 345 6.39 18.53 -41.70
C PHE C 345 6.74 19.86 -41.04
N PHE C 346 7.71 19.84 -40.12
CA PHE C 346 8.11 21.03 -39.38
C PHE C 346 9.38 21.68 -39.93
N ALA C 347 9.70 21.39 -41.20
CA ALA C 347 10.89 21.94 -41.85
C ALA C 347 10.80 23.45 -42.04
N ARG C 348 9.58 23.96 -42.27
CA ARG C 348 9.33 25.40 -42.38
C ARG C 348 9.81 26.20 -41.15
N LEU C 349 9.95 25.50 -40.03
CA LEU C 349 10.45 26.11 -38.80
C LEU C 349 11.82 25.51 -38.44
N ARG C 350 12.88 26.21 -38.83
CA ARG C 350 14.27 25.72 -38.70
C ARG C 350 14.74 25.51 -37.26
N ALA C 351 16.06 25.46 -37.07
CA ALA C 351 16.69 25.16 -35.78
C ALA C 351 16.16 26.00 -34.60
N GLU C 352 15.14 25.46 -33.91
CA GLU C 352 14.51 26.13 -32.77
C GLU C 352 14.36 25.15 -31.61
C1 EAZ D . -8.90 -32.45 -6.67
C2 EAZ D . -9.12 -33.79 -6.35
C11 EAZ D . -11.21 -32.13 -7.61
C12 EAZ D . -11.69 -30.39 -9.16
C13 EAZ D . -10.37 -29.98 -9.09
C14 EAZ D . -10.36 -28.81 -10.04
C17 EAZ D . -9.20 -27.94 -10.40
C18 EAZ D . -5.61 -30.44 -4.67
C19 EAZ D . -4.18 -30.27 -4.11
C20 EAZ D . -3.10 -30.79 -5.09
C21 EAZ D . -3.12 -30.09 -6.48
C22 EAZ D . -1.66 -29.90 -6.99
C23 EAZ D . -3.93 -30.91 -7.53
N3 EAZ D . -8.24 -34.46 -5.55
C4 EAZ D . -7.15 -33.85 -5.06
C5 EAZ D . -6.89 -32.50 -5.33
C6 EAZ D . -7.77 -31.81 -6.16
O7 EAZ D . -5.76 -31.86 -4.83
C8 EAZ D . -9.87 -31.72 -7.54
C9 EAZ D . -9.41 -30.63 -8.30
C10 EAZ D . -12.15 -31.47 -8.41
N15 EAZ D . -11.55 -28.68 -10.51
N16 EAZ D . -12.39 -29.60 -10.00
N24 EAZ D . -4.06 -31.03 -2.84
C1 EAZ E . 3.08 12.67 26.76
C2 EAZ E . 2.70 13.93 26.29
C11 EAZ E . 0.97 11.59 25.91
C12 EAZ E . 0.17 9.57 26.86
C13 EAZ E . 1.24 9.57 27.74
C14 EAZ E . 0.99 8.31 28.53
C17 EAZ E . 1.85 7.79 29.64
C18 EAZ E . 7.41 12.18 27.50
C19 EAZ E . 8.76 12.57 28.17
C20 EAZ E . 8.52 13.24 29.55
C21 EAZ E . 7.81 12.28 30.57
C22 EAZ E . 8.76 11.93 31.74
C23 EAZ E . 6.48 12.85 31.13
N3 EAZ E . 3.60 14.94 26.25
C4 EAZ E . 4.88 14.78 26.66
C5 EAZ E . 5.32 13.53 27.14
C6 EAZ E . 4.41 12.48 27.19
O7 EAZ E . 6.64 13.38 27.56
C8 EAZ E . 2.07 11.58 26.80
C9 EAZ E . 2.22 10.56 27.75
C10 EAZ E . 0.01 10.58 25.92
N15 EAZ E . -0.07 7.76 28.10
N16 EAZ E . -0.61 8.49 27.08
N24 EAZ E . 9.53 13.44 27.27
C1 EAZ F . -6.10 25.22 -16.21
C2 EAZ F . -5.52 24.52 -15.16
C11 EAZ F . -4.32 26.98 -16.26
C12 EAZ F . -4.73 29.15 -17.18
C13 EAZ F . -6.03 28.76 -17.47
C14 EAZ F . -6.58 30.00 -18.11
C17 EAZ F . -7.97 30.18 -18.64
C18 EAZ F . -8.88 22.95 -18.70
C19 EAZ F . -10.12 22.10 -19.05
C20 EAZ F . -11.32 22.38 -18.11
C21 EAZ F . -11.80 23.86 -18.10
C22 EAZ F . -13.35 23.91 -18.26
C23 EAZ F . -11.38 24.60 -16.80
N3 EAZ F . -5.96 23.27 -14.84
C4 EAZ F . -6.96 22.68 -15.52
C5 EAZ F . -7.59 23.33 -16.59
C6 EAZ F . -7.15 24.62 -16.92
O7 EAZ F . -8.64 22.74 -17.30
C8 EAZ F . -5.64 26.59 -16.56
C9 EAZ F . -6.52 27.49 -17.18
C10 EAZ F . -3.84 28.27 -16.57
N15 EAZ F . -5.65 30.88 -18.13
N16 EAZ F . -4.51 30.41 -17.58
N24 EAZ F . -9.74 20.67 -18.96
#